data_4IJW
#
_entry.id   4IJW
#
_cell.length_a   74.500
_cell.length_b   94.300
_cell.length_c   167.400
_cell.angle_alpha   90.00
_cell.angle_beta   90.00
_cell.angle_gamma   90.00
#
_symmetry.space_group_name_H-M   'P 21 21 21'
#
loop_
_entity.id
_entity.type
_entity.pdbx_description
1 polymer 'Corticosteroid 11-beta-dehydrogenase isozyme 1'
2 non-polymer 'NADP NICOTINAMIDE-ADENINE-DINUCLEOTIDE PHOSPHATE'
3 non-polymer 3-[1-(4-chlorophenyl)cyclopropyl]-8-cyclopropyl[1,2,4]triazolo[4,3-a]pyridine
4 water water
#
_entity_poly.entity_id   1
_entity_poly.type   'polypeptide(L)'
_entity_poly.pdbx_seq_one_letter_code
;GSHMASMTGGQQMGRGSNEEFRPEMLQGKKVIVTGASKGIGREMAYHLAKMGAHVVVTARSKETLQKVVSHCLELGAASA
HYIAGTMEDMTFAEQFVAQAGKLMGGLDMLILNHITNTSLNLFHDDIHHVRKSMEVNFLSYVVLTVAALPMLKQSNGSIV
VVSSLAGKVAYPMVAAYSASKFALDGFFSSIRKEYSVSRVNVSITLCVLGLIDTETAMKAVSGIVHMQAAPKEECALEII
KGGALRQEEVYYDSSRWTTLLIRNPCRKILEELYSTSYNMDRFINK
;
_entity_poly.pdbx_strand_id   A,B,D,E
#
loop_
_chem_comp.id
_chem_comp.type
_chem_comp.name
_chem_comp.formula
1EQ non-polymer 3-[1-(4-chlorophenyl)cyclopropyl]-8-cyclopropyl[1,2,4]triazolo[4,3-a]pyridine 'C18 H16 Cl N3'
NAP non-polymer 'NADP NICOTINAMIDE-ADENINE-DINUCLEOTIDE PHOSPHATE' 'C21 H28 N7 O17 P3'
#
# COMPACT_ATOMS: atom_id res chain seq x y z
N GLU A 20 20.95 -14.71 7.12
CA GLU A 20 20.61 -15.84 7.98
C GLU A 20 21.44 -15.82 9.28
N PHE A 21 20.73 -15.81 10.41
CA PHE A 21 21.31 -15.74 11.75
C PHE A 21 21.97 -17.03 12.21
N ARG A 22 23.06 -16.89 13.00
CA ARG A 22 23.79 -17.98 13.64
C ARG A 22 24.06 -17.56 15.11
N PRO A 23 23.92 -18.49 16.10
CA PRO A 23 24.16 -18.10 17.52
C PRO A 23 25.55 -17.58 17.83
N GLU A 24 26.53 -17.89 16.95
CA GLU A 24 27.93 -17.48 17.06
C GLU A 24 28.12 -15.97 16.82
N MET A 25 27.10 -15.30 16.24
CA MET A 25 27.13 -13.85 15.99
C MET A 25 27.13 -13.09 17.33
N LEU A 26 26.63 -13.73 18.42
CA LEU A 26 26.59 -13.14 19.75
C LEU A 26 27.73 -13.59 20.67
N GLN A 27 28.56 -14.55 20.20
CA GLN A 27 29.69 -15.07 20.97
C GLN A 27 30.71 -13.96 21.26
N GLY A 28 30.92 -13.69 22.55
CA GLY A 28 31.84 -12.66 23.03
C GLY A 28 31.36 -11.22 22.89
N LYS A 29 30.10 -11.02 22.47
CA LYS A 29 29.50 -9.69 22.31
C LYS A 29 29.13 -9.10 23.65
N LYS A 30 29.29 -7.78 23.78
CA LYS A 30 29.01 -7.04 25.02
C LYS A 30 27.58 -6.47 24.93
N VAL A 31 26.65 -7.11 25.65
CA VAL A 31 25.23 -6.78 25.59
C VAL A 31 24.62 -6.32 26.92
N ILE A 32 23.80 -5.25 26.84
CA ILE A 32 22.99 -4.69 27.92
C ILE A 32 21.55 -5.14 27.63
N VAL A 33 20.85 -5.61 28.67
CA VAL A 33 19.43 -5.99 28.60
C VAL A 33 18.74 -5.30 29.77
N THR A 34 17.79 -4.41 29.46
CA THR A 34 17.00 -3.71 30.47
C THR A 34 15.72 -4.53 30.67
N GLY A 35 15.10 -4.39 31.86
CA GLY A 35 13.88 -5.13 32.24
C GLY A 35 14.10 -6.62 32.10
N ALA A 36 15.25 -7.07 32.60
CA ALA A 36 15.74 -8.42 32.44
C ALA A 36 15.57 -9.32 33.66
N SER A 37 14.81 -8.88 34.68
CA SER A 37 14.56 -9.69 35.87
C SER A 37 13.44 -10.70 35.63
N LYS A 38 12.56 -10.42 34.65
CA LYS A 38 11.44 -11.29 34.28
C LYS A 38 11.02 -11.10 32.81
N GLY A 39 10.05 -11.93 32.38
CA GLY A 39 9.44 -11.92 31.06
C GLY A 39 10.40 -12.08 29.90
N ILE A 40 10.15 -11.32 28.82
CA ILE A 40 10.93 -11.35 27.59
C ILE A 40 12.40 -10.98 27.86
N GLY A 41 12.61 -9.98 28.71
CA GLY A 41 13.92 -9.48 29.12
C GLY A 41 14.85 -10.53 29.71
N ARG A 42 14.30 -11.38 30.60
CA ARG A 42 15.00 -12.51 31.24
C ARG A 42 15.33 -13.58 30.19
N GLU A 43 14.37 -13.87 29.30
CA GLU A 43 14.54 -14.84 28.20
C GLU A 43 15.69 -14.43 27.25
N MET A 44 15.79 -13.13 26.95
CA MET A 44 16.88 -12.56 26.15
C MET A 44 18.24 -12.77 26.83
N ALA A 45 18.34 -12.52 28.15
CA ALA A 45 19.56 -12.71 28.94
C ALA A 45 20.04 -14.16 28.86
N TYR A 46 19.08 -15.11 29.03
CA TYR A 46 19.28 -16.57 28.98
C TYR A 46 19.76 -17.01 27.61
N HIS A 47 19.14 -16.49 26.52
CA HIS A 47 19.57 -16.80 25.16
C HIS A 47 20.99 -16.32 24.91
N LEU A 48 21.30 -15.07 25.32
CA LEU A 48 22.61 -14.45 25.14
C LEU A 48 23.71 -15.20 25.89
N ALA A 49 23.39 -15.71 27.09
CA ALA A 49 24.25 -16.53 27.96
C ALA A 49 24.65 -17.80 27.24
N LYS A 50 23.64 -18.54 26.68
CA LYS A 50 23.82 -19.77 25.90
C LYS A 50 24.71 -19.54 24.66
N MET A 51 24.65 -18.31 24.08
CA MET A 51 25.43 -17.92 22.89
C MET A 51 26.85 -17.50 23.24
N GLY A 52 27.16 -17.41 24.55
CA GLY A 52 28.48 -17.04 25.06
C GLY A 52 28.79 -15.56 24.98
N ALA A 53 27.79 -14.72 25.20
CA ALA A 53 27.96 -13.26 25.20
C ALA A 53 28.33 -12.80 26.60
N HIS A 54 28.79 -11.55 26.73
CA HIS A 54 29.01 -10.85 28.00
C HIS A 54 27.68 -10.11 28.22
N VAL A 55 27.10 -10.24 29.40
CA VAL A 55 25.81 -9.61 29.69
C VAL A 55 25.81 -8.78 30.97
N VAL A 56 25.11 -7.65 30.94
CA VAL A 56 24.86 -6.77 32.07
C VAL A 56 23.38 -6.53 31.96
N VAL A 57 22.64 -7.12 32.91
CA VAL A 57 21.19 -7.06 33.02
C VAL A 57 20.78 -6.04 34.07
N THR A 58 19.63 -5.38 33.86
CA THR A 58 19.09 -4.39 34.81
C THR A 58 17.58 -4.55 34.95
N ALA A 59 17.06 -4.00 36.06
CA ALA A 59 15.67 -3.95 36.58
C ALA A 59 15.81 -3.41 38.03
N ARG A 60 14.73 -3.23 38.77
CA ARG A 60 14.80 -2.68 40.13
C ARG A 60 15.15 -3.71 41.18
N SER A 61 14.68 -4.97 40.98
CA SER A 61 14.84 -6.09 41.93
C SER A 61 16.22 -6.76 41.87
N LYS A 62 17.10 -6.37 42.82
CA LYS A 62 18.48 -6.88 43.02
C LYS A 62 18.46 -8.41 43.17
N GLU A 63 17.51 -8.94 43.97
CA GLU A 63 17.33 -10.35 44.28
C GLU A 63 17.00 -11.20 43.05
N THR A 64 16.06 -10.72 42.22
CA THR A 64 15.67 -11.42 40.99
C THR A 64 16.78 -11.32 39.93
N LEU A 65 17.50 -10.18 39.86
CA LEU A 65 18.64 -10.00 38.94
C LEU A 65 19.81 -10.93 39.31
N GLN A 66 20.03 -11.20 40.62
CA GLN A 66 21.05 -12.12 41.14
C GLN A 66 20.85 -13.52 40.60
N LYS A 67 19.58 -14.02 40.61
CA LYS A 67 19.23 -15.36 40.10
C LYS A 67 19.41 -15.45 38.59
N VAL A 68 19.08 -14.37 37.85
CA VAL A 68 19.23 -14.31 36.39
C VAL A 68 20.72 -14.39 36.05
N VAL A 69 21.56 -13.60 36.73
CA VAL A 69 23.03 -13.59 36.56
C VAL A 69 23.60 -14.99 36.82
N SER A 70 23.25 -15.59 37.98
CA SER A 70 23.67 -16.95 38.38
C SER A 70 23.31 -17.98 37.31
N HIS A 71 22.06 -17.94 36.81
CA HIS A 71 21.63 -18.84 35.75
C HIS A 71 22.32 -18.56 34.41
N CYS A 72 22.68 -17.28 34.12
CA CYS A 72 23.39 -16.88 32.89
C CYS A 72 24.80 -17.50 32.88
N LEU A 73 25.48 -17.49 34.03
CA LEU A 73 26.80 -18.08 34.18
C LEU A 73 26.76 -19.59 33.99
N GLU A 74 25.69 -20.26 34.51
CA GLU A 74 25.43 -21.71 34.35
C GLU A 74 25.25 -22.06 32.89
N LEU A 75 24.52 -21.21 32.14
CA LEU A 75 24.22 -21.39 30.72
C LEU A 75 25.41 -21.18 29.80
N GLY A 76 26.46 -20.54 30.29
CA GLY A 76 27.69 -20.34 29.53
C GLY A 76 28.00 -18.94 29.05
N ALA A 77 27.56 -17.90 29.80
CA ALA A 77 27.84 -16.52 29.48
C ALA A 77 29.33 -16.28 29.69
N ALA A 78 29.97 -15.49 28.82
CA ALA A 78 31.40 -15.14 28.92
C ALA A 78 31.64 -14.38 30.24
N SER A 79 30.65 -13.56 30.65
CA SER A 79 30.58 -12.83 31.91
C SER A 79 29.13 -12.41 32.12
N ALA A 80 28.73 -12.20 33.37
CA ALA A 80 27.37 -11.82 33.71
C ALA A 80 27.38 -11.00 34.95
N HIS A 81 26.77 -9.80 34.88
CA HIS A 81 26.63 -8.84 35.95
C HIS A 81 25.23 -8.24 35.95
N TYR A 82 24.86 -7.65 37.08
CA TYR A 82 23.62 -6.94 37.22
C TYR A 82 23.90 -5.63 37.89
N ILE A 83 23.08 -4.61 37.60
CA ILE A 83 23.10 -3.30 38.24
C ILE A 83 21.62 -3.00 38.48
N ALA A 84 21.18 -3.00 39.74
CA ALA A 84 19.77 -2.76 40.07
C ALA A 84 19.45 -1.27 40.25
N GLY A 85 18.28 -0.88 39.77
CA GLY A 85 17.80 0.49 39.86
C GLY A 85 16.53 0.76 39.07
N THR A 86 15.97 1.94 39.29
CA THR A 86 14.76 2.37 38.59
C THR A 86 15.07 3.28 37.41
N MET A 87 14.40 3.01 36.30
CA MET A 87 14.52 3.78 35.07
C MET A 87 13.61 5.04 35.08
N GLU A 88 13.03 5.36 36.25
CA GLU A 88 12.28 6.58 36.53
C GLU A 88 13.31 7.69 36.81
N ASP A 89 14.50 7.26 37.26
CA ASP A 89 15.67 8.08 37.59
C ASP A 89 16.60 8.14 36.36
N MET A 90 16.61 9.29 35.68
CA MET A 90 17.43 9.53 34.49
C MET A 90 18.93 9.59 34.82
N THR A 91 19.29 9.89 36.09
CA THR A 91 20.67 9.89 36.56
C THR A 91 21.14 8.43 36.67
N PHE A 92 20.26 7.55 37.20
CA PHE A 92 20.58 6.13 37.29
C PHE A 92 20.83 5.59 35.88
N ALA A 93 19.92 5.88 34.92
CA ALA A 93 19.94 5.43 33.54
C ALA A 93 21.28 5.71 32.87
N GLU A 94 21.78 6.94 33.02
CA GLU A 94 23.03 7.45 32.46
C GLU A 94 24.26 6.76 33.10
N GLN A 95 24.30 6.69 34.45
CA GLN A 95 25.39 6.08 35.20
C GLN A 95 25.44 4.60 34.96
N PHE A 96 24.27 3.95 34.82
CA PHE A 96 24.18 2.50 34.57
C PHE A 96 24.96 2.08 33.32
N VAL A 97 24.83 2.83 32.22
CA VAL A 97 25.49 2.52 30.97
C VAL A 97 27.00 2.62 31.14
N ALA A 98 27.49 3.72 31.76
CA ALA A 98 28.94 3.91 32.01
C ALA A 98 29.49 2.74 32.82
N GLN A 99 28.75 2.31 33.87
CA GLN A 99 29.14 1.23 34.73
C GLN A 99 29.12 -0.12 34.01
N ALA A 100 28.09 -0.35 33.19
CA ALA A 100 27.98 -1.56 32.39
C ALA A 100 29.13 -1.65 31.35
N GLY A 101 29.47 -0.52 30.75
CA GLY A 101 30.55 -0.43 29.77
C GLY A 101 31.93 -0.68 30.35
N LYS A 102 32.16 -0.21 31.58
CA LYS A 102 33.41 -0.38 32.33
C LYS A 102 33.59 -1.86 32.75
N LEU A 103 32.51 -2.55 33.15
CA LEU A 103 32.52 -3.97 33.53
C LEU A 103 32.87 -4.86 32.37
N MET A 104 32.38 -4.53 31.15
CA MET A 104 32.57 -5.36 29.96
C MET A 104 33.73 -4.91 29.08
N GLY A 105 34.20 -3.68 29.29
CA GLY A 105 35.27 -3.10 28.47
C GLY A 105 34.72 -2.71 27.11
N GLY A 106 33.51 -2.13 27.09
CA GLY A 106 32.83 -1.71 25.88
C GLY A 106 31.38 -2.16 25.79
N LEU A 107 30.78 -1.95 24.61
CA LEU A 107 29.38 -2.29 24.36
C LEU A 107 29.15 -2.49 22.88
N ASP A 108 28.52 -3.61 22.53
CA ASP A 108 28.17 -3.97 21.15
C ASP A 108 26.67 -3.85 20.88
N MET A 109 25.85 -4.24 21.87
CA MET A 109 24.40 -4.19 21.72
C MET A 109 23.70 -3.64 22.95
N LEU A 110 22.76 -2.71 22.74
CA LEU A 110 21.95 -2.09 23.77
C LEU A 110 20.50 -2.55 23.57
N ILE A 111 20.00 -3.41 24.49
CA ILE A 111 18.63 -3.90 24.37
C ILE A 111 17.71 -3.18 25.37
N LEU A 112 16.84 -2.32 24.81
CA LEU A 112 15.90 -1.47 25.57
C LEU A 112 14.55 -2.17 25.58
N ASN A 113 14.19 -2.72 26.74
CA ASN A 113 13.04 -3.61 26.92
C ASN A 113 12.11 -3.25 28.11
N HIS A 114 12.62 -2.62 29.16
CA HIS A 114 11.82 -2.25 30.34
C HIS A 114 10.63 -1.31 30.02
N ILE A 115 9.56 -1.42 30.80
CA ILE A 115 8.37 -0.58 30.74
C ILE A 115 7.89 -0.40 32.17
N THR A 116 7.12 0.66 32.41
CA THR A 116 6.49 0.90 33.71
C THR A 116 5.27 -0.07 33.80
N ASN A 117 4.86 -0.42 35.01
CA ASN A 117 3.74 -1.31 35.22
C ASN A 117 2.45 -0.61 34.72
N THR A 118 1.66 -1.35 33.95
CA THR A 118 0.40 -0.87 33.37
C THR A 118 -0.66 -1.97 33.44
N SER A 119 -1.89 -1.63 33.09
CA SER A 119 -3.00 -2.59 33.03
C SER A 119 -3.92 -2.17 31.90
N LEU A 120 -4.85 -3.06 31.49
CA LEU A 120 -5.84 -2.74 30.47
C LEU A 120 -6.98 -2.04 31.20
N ASN A 121 -7.14 -0.74 30.94
CA ASN A 121 -8.17 0.12 31.53
C ASN A 121 -8.50 1.26 30.60
N LEU A 122 -9.73 1.77 30.69
CA LEU A 122 -10.17 2.93 29.95
C LEU A 122 -9.46 4.15 30.52
N PHE A 123 -9.13 5.12 29.67
CA PHE A 123 -8.48 6.33 30.17
C PHE A 123 -9.54 7.32 30.65
N HIS A 124 -9.35 7.89 31.84
CA HIS A 124 -10.26 8.87 32.39
C HIS A 124 -9.56 10.19 32.69
N ASP A 125 -8.67 10.21 33.69
CA ASP A 125 -7.99 11.43 34.12
C ASP A 125 -6.60 11.18 34.72
N ASP A 126 -6.04 9.98 34.52
CA ASP A 126 -4.74 9.64 35.10
C ASP A 126 -3.56 10.13 34.25
N ILE A 127 -3.29 11.44 34.37
CA ILE A 127 -2.19 12.13 33.70
C ILE A 127 -0.84 11.67 34.26
N HIS A 128 -0.80 11.28 35.56
CA HIS A 128 0.39 10.77 36.22
C HIS A 128 0.87 9.47 35.58
N HIS A 129 -0.07 8.59 35.21
CA HIS A 129 0.25 7.36 34.50
C HIS A 129 0.69 7.66 33.04
N VAL A 130 0.12 8.70 32.40
CA VAL A 130 0.54 9.11 31.04
C VAL A 130 1.99 9.66 31.09
N ARG A 131 2.30 10.51 32.08
CA ARG A 131 3.64 11.08 32.27
C ARG A 131 4.68 10.01 32.62
N LYS A 132 4.38 9.14 33.61
CA LYS A 132 5.26 8.05 34.03
C LYS A 132 5.55 7.08 32.88
N SER A 133 4.51 6.76 32.06
CA SER A 133 4.67 5.92 30.86
C SER A 133 5.62 6.59 29.86
N MET A 134 5.48 7.89 29.60
CA MET A 134 6.39 8.57 28.69
C MET A 134 7.82 8.61 29.25
N GLU A 135 7.98 8.87 30.57
CA GLU A 135 9.28 8.94 31.25
C GLU A 135 10.04 7.58 31.20
N VAL A 136 9.42 6.49 31.67
CA VAL A 136 10.03 5.16 31.72
C VAL A 136 10.09 4.47 30.36
N ASN A 137 8.96 4.39 29.67
CA ASN A 137 8.89 3.68 28.39
C ASN A 137 9.53 4.39 27.21
N PHE A 138 9.76 5.71 27.31
CA PHE A 138 10.32 6.47 26.21
C PHE A 138 11.56 7.30 26.58
N LEU A 139 11.42 8.28 27.49
CA LEU A 139 12.52 9.19 27.83
C LEU A 139 13.77 8.48 28.34
N SER A 140 13.60 7.44 29.17
CA SER A 140 14.76 6.67 29.67
C SER A 140 15.50 5.93 28.53
N TYR A 141 14.77 5.53 27.47
CA TYR A 141 15.35 4.87 26.29
C TYR A 141 16.25 5.84 25.56
N VAL A 142 15.84 7.13 25.49
CA VAL A 142 16.60 8.22 24.86
C VAL A 142 17.87 8.52 25.70
N VAL A 143 17.73 8.58 27.04
CA VAL A 143 18.88 8.79 27.98
C VAL A 143 19.89 7.65 27.83
N LEU A 144 19.41 6.39 27.82
CA LEU A 144 20.26 5.20 27.66
C LEU A 144 21.01 5.22 26.33
N THR A 145 20.35 5.67 25.25
CA THR A 145 20.93 5.80 23.91
C THR A 145 22.06 6.84 23.90
N VAL A 146 21.80 8.04 24.48
CA VAL A 146 22.79 9.12 24.56
C VAL A 146 24.05 8.64 25.32
N ALA A 147 23.85 7.99 26.47
CA ALA A 147 24.92 7.45 27.30
C ALA A 147 25.71 6.33 26.60
N ALA A 148 25.01 5.47 25.81
CA ALA A 148 25.62 4.33 25.11
C ALA A 148 26.24 4.61 23.74
N LEU A 149 25.85 5.70 23.06
CA LEU A 149 26.28 6.01 21.69
C LEU A 149 27.81 6.07 21.47
N PRO A 150 28.63 6.76 22.33
CA PRO A 150 30.10 6.74 22.10
C PRO A 150 30.73 5.33 22.03
N MET A 151 30.35 4.42 22.94
CA MET A 151 30.80 3.01 22.92
C MET A 151 30.26 2.26 21.70
N LEU A 152 28.96 2.44 21.36
CA LEU A 152 28.36 1.80 20.21
C LEU A 152 28.97 2.25 18.89
N LYS A 153 29.39 3.54 18.79
CA LYS A 153 30.09 4.10 17.62
C LYS A 153 31.46 3.46 17.48
N GLN A 154 32.12 3.17 18.61
CA GLN A 154 33.43 2.52 18.65
C GLN A 154 33.40 1.08 18.13
N SER A 155 32.32 0.34 18.45
CA SER A 155 32.15 -1.05 18.06
C SER A 155 31.30 -1.26 16.79
N ASN A 156 30.71 -0.17 16.22
CA ASN A 156 29.75 -0.23 15.09
C ASN A 156 28.59 -1.13 15.53
N GLY A 157 28.15 -0.87 16.76
CA GLY A 157 27.14 -1.61 17.51
C GLY A 157 25.70 -1.48 17.06
N SER A 158 24.80 -1.94 17.93
CA SER A 158 23.37 -2.01 17.66
C SER A 158 22.50 -1.55 18.83
N ILE A 159 21.38 -0.88 18.50
CA ILE A 159 20.36 -0.48 19.47
C ILE A 159 19.13 -1.32 19.11
N VAL A 160 18.57 -2.00 20.13
CA VAL A 160 17.39 -2.84 19.98
C VAL A 160 16.28 -2.24 20.86
N VAL A 161 15.18 -1.83 20.21
CA VAL A 161 14.05 -1.16 20.87
C VAL A 161 12.85 -2.07 20.85
N VAL A 162 12.44 -2.50 22.03
CA VAL A 162 11.29 -3.38 22.17
C VAL A 162 9.99 -2.55 22.21
N SER A 163 9.14 -2.79 21.21
CA SER A 163 7.86 -2.12 21.07
C SER A 163 6.73 -3.16 21.03
N SER A 164 5.57 -2.77 20.51
CA SER A 164 4.38 -3.60 20.47
C SER A 164 3.59 -3.33 19.17
N LEU A 165 2.60 -4.18 18.86
CA LEU A 165 1.66 -3.93 17.75
C LEU A 165 0.92 -2.62 18.11
N ALA A 166 0.73 -2.39 19.45
CA ALA A 166 0.11 -1.20 20.04
C ALA A 166 0.97 0.06 19.87
N GLY A 167 2.16 -0.10 19.31
CA GLY A 167 3.07 0.98 18.96
C GLY A 167 3.08 1.23 17.45
N LYS A 168 2.13 0.59 16.73
CA LYS A 168 2.01 0.68 15.27
C LYS A 168 0.55 0.88 14.82
N VAL A 169 -0.39 0.24 15.53
CA VAL A 169 -1.82 0.35 15.26
C VAL A 169 -2.49 0.69 16.60
N ALA A 170 -3.76 1.15 16.57
CA ALA A 170 -4.48 1.55 17.76
C ALA A 170 -5.26 0.45 18.42
N TYR A 171 -5.29 0.51 19.75
CA TYR A 171 -5.96 -0.43 20.62
C TYR A 171 -6.62 0.34 21.72
N PRO A 172 -7.85 -0.02 22.15
CA PRO A 172 -8.43 0.64 23.35
C PRO A 172 -7.75 0.06 24.60
N MET A 173 -7.96 0.70 25.78
CA MET A 173 -7.49 0.27 27.11
C MET A 173 -5.97 0.39 27.37
N VAL A 174 -5.20 0.93 26.41
CA VAL A 174 -3.74 1.11 26.51
C VAL A 174 -3.29 2.48 25.96
N ALA A 175 -4.07 3.55 26.20
CA ALA A 175 -3.77 4.89 25.62
C ALA A 175 -2.36 5.44 25.95
N ALA A 176 -1.98 5.50 27.24
CA ALA A 176 -0.68 6.00 27.74
C ALA A 176 0.51 5.17 27.19
N TYR A 177 0.34 3.84 27.22
CA TYR A 177 1.27 2.81 26.79
C TYR A 177 1.53 2.91 25.26
N SER A 178 0.45 2.94 24.50
CA SER A 178 0.41 3.10 23.06
C SER A 178 1.16 4.38 22.65
N ALA A 179 0.89 5.50 23.33
CA ALA A 179 1.56 6.80 23.12
C ALA A 179 3.08 6.67 23.21
N SER A 180 3.56 6.06 24.32
CA SER A 180 4.99 5.84 24.57
C SER A 180 5.64 4.93 23.53
N LYS A 181 4.93 3.90 23.06
CA LYS A 181 5.45 2.97 22.05
C LYS A 181 5.48 3.62 20.66
N PHE A 182 4.46 4.45 20.34
CA PHE A 182 4.38 5.24 19.11
C PHE A 182 5.54 6.23 19.09
N ALA A 183 5.80 6.91 20.22
CA ALA A 183 6.91 7.88 20.40
C ALA A 183 8.28 7.25 20.13
N LEU A 184 8.48 5.98 20.51
CA LEU A 184 9.73 5.25 20.25
C LEU A 184 9.98 5.13 18.75
N ASP A 185 8.91 4.84 17.99
CA ASP A 185 8.96 4.72 16.54
C ASP A 185 9.34 6.05 15.93
N GLY A 186 8.66 7.12 16.32
CA GLY A 186 8.93 8.46 15.83
C GLY A 186 10.36 8.88 16.09
N PHE A 187 10.79 8.74 17.33
CA PHE A 187 12.14 9.13 17.75
C PHE A 187 13.24 8.31 17.07
N PHE A 188 13.24 6.99 17.26
CA PHE A 188 14.30 6.13 16.75
C PHE A 188 14.33 5.97 15.21
N SER A 189 13.18 6.14 14.53
CA SER A 189 13.17 6.04 13.07
C SER A 189 13.76 7.31 12.46
N SER A 190 13.62 8.46 13.16
CA SER A 190 14.17 9.76 12.76
C SER A 190 15.69 9.76 12.90
N ILE A 191 16.22 9.31 14.06
CA ILE A 191 17.66 9.25 14.30
C ILE A 191 18.32 8.18 13.40
N ARG A 192 17.59 7.14 12.98
CA ARG A 192 18.11 6.12 12.04
C ARG A 192 18.47 6.81 10.71
N LYS A 193 17.59 7.68 10.19
CA LYS A 193 17.81 8.47 8.98
C LYS A 193 18.98 9.44 9.15
N GLU A 194 19.11 10.04 10.34
CA GLU A 194 20.20 10.93 10.72
C GLU A 194 21.54 10.19 10.74
N TYR A 195 21.58 8.99 11.34
CA TYR A 195 22.80 8.16 11.41
C TYR A 195 23.28 7.76 10.02
N SER A 196 22.34 7.52 9.11
CA SER A 196 22.57 7.15 7.71
C SER A 196 23.34 8.28 6.99
N VAL A 197 22.86 9.53 7.07
CA VAL A 197 23.50 10.68 6.41
C VAL A 197 24.81 11.09 7.11
N SER A 198 24.88 10.98 8.44
CA SER A 198 26.07 11.35 9.21
C SER A 198 27.07 10.21 9.40
N ARG A 199 26.82 9.08 8.69
CA ARG A 199 27.63 7.88 8.66
C ARG A 199 28.04 7.39 10.07
N VAL A 200 27.03 7.23 10.93
CA VAL A 200 27.16 6.65 12.28
C VAL A 200 26.68 5.20 12.03
N ASN A 201 27.61 4.24 12.08
CA ASN A 201 27.30 2.84 11.78
C ASN A 201 26.76 2.08 13.00
N VAL A 202 25.65 2.57 13.56
CA VAL A 202 24.95 1.98 14.70
C VAL A 202 23.56 1.65 14.19
N SER A 203 23.23 0.37 14.12
CA SER A 203 21.91 -0.08 13.66
C SER A 203 20.86 0.12 14.76
N ILE A 204 19.58 0.30 14.36
CA ILE A 204 18.42 0.50 15.21
C ILE A 204 17.34 -0.47 14.73
N THR A 205 16.94 -1.39 15.63
CA THR A 205 15.91 -2.41 15.39
C THR A 205 14.73 -2.13 16.29
N LEU A 206 13.56 -1.83 15.68
CA LEU A 206 12.30 -1.62 16.40
C LEU A 206 11.55 -2.95 16.33
N CYS A 207 11.27 -3.56 17.49
CA CYS A 207 10.59 -4.86 17.54
C CYS A 207 9.14 -4.71 17.84
N VAL A 208 8.29 -5.10 16.91
CA VAL A 208 6.84 -4.98 16.96
C VAL A 208 6.25 -6.33 17.35
N LEU A 209 5.92 -6.46 18.62
CA LEU A 209 5.42 -7.71 19.18
C LEU A 209 3.93 -7.73 19.44
N GLY A 210 3.34 -8.89 19.17
CA GLY A 210 1.96 -9.20 19.49
C GLY A 210 1.91 -9.76 20.90
N LEU A 211 0.79 -10.44 21.25
CA LEU A 211 0.60 -11.04 22.56
C LEU A 211 1.63 -12.13 22.82
N ILE A 212 2.34 -12.04 23.97
CA ILE A 212 3.39 -12.96 24.42
C ILE A 212 2.96 -13.55 25.76
N ASP A 213 3.21 -14.86 25.96
CA ASP A 213 2.79 -15.60 27.16
C ASP A 213 3.57 -15.25 28.46
N THR A 214 3.90 -13.97 28.69
CA THR A 214 4.57 -13.61 29.94
C THR A 214 3.50 -13.56 31.04
N GLU A 215 3.89 -13.82 32.32
CA GLU A 215 3.01 -13.78 33.48
C GLU A 215 2.22 -12.44 33.53
N THR A 216 2.91 -11.29 33.31
CA THR A 216 2.34 -9.94 33.30
C THR A 216 1.21 -9.82 32.28
N ALA A 217 1.50 -10.19 31.00
CA ALA A 217 0.56 -10.09 29.88
C ALA A 217 -0.62 -11.03 30.03
N MET A 218 -0.38 -12.27 30.51
CA MET A 218 -1.43 -13.27 30.72
C MET A 218 -2.42 -12.84 31.79
N LYS A 219 -1.91 -12.22 32.87
CA LYS A 219 -2.72 -11.66 33.95
C LYS A 219 -3.51 -10.45 33.48
N ALA A 220 -2.86 -9.55 32.70
CA ALA A 220 -3.45 -8.31 32.18
C ALA A 220 -4.62 -8.52 31.21
N VAL A 221 -4.49 -9.52 30.32
CA VAL A 221 -5.50 -9.77 29.28
C VAL A 221 -6.61 -10.73 29.72
N SER A 222 -6.44 -11.45 30.85
CA SER A 222 -7.39 -12.42 31.39
C SER A 222 -8.85 -11.90 31.43
N GLY A 223 -9.71 -12.53 30.61
CA GLY A 223 -11.13 -12.23 30.48
C GLY A 223 -11.49 -10.97 29.71
N ILE A 224 -10.47 -10.26 29.21
CA ILE A 224 -10.63 -9.02 28.46
C ILE A 224 -10.23 -9.26 27.00
N VAL A 225 -9.10 -9.90 26.80
CA VAL A 225 -8.54 -10.15 25.49
C VAL A 225 -8.47 -11.66 25.23
N HIS A 226 -9.11 -12.06 24.12
CA HIS A 226 -9.26 -13.43 23.64
C HIS A 226 -8.44 -13.59 22.37
N MET A 227 -7.12 -13.74 22.56
CA MET A 227 -6.13 -13.86 21.49
C MET A 227 -5.15 -14.97 21.83
N GLN A 228 -4.55 -15.58 20.80
CA GLN A 228 -3.52 -16.59 20.96
C GLN A 228 -2.20 -15.87 21.36
N ALA A 229 -1.49 -16.37 22.40
CA ALA A 229 -0.23 -15.81 22.87
C ALA A 229 0.93 -16.61 22.32
N ALA A 230 1.98 -15.90 21.88
CA ALA A 230 3.19 -16.50 21.34
C ALA A 230 4.20 -16.82 22.47
N PRO A 231 5.08 -17.82 22.32
CA PRO A 231 6.00 -18.13 23.43
C PRO A 231 7.12 -17.11 23.62
N LYS A 232 7.36 -16.73 24.89
CA LYS A 232 8.36 -15.74 25.33
C LYS A 232 9.80 -16.10 24.97
N GLU A 233 10.12 -17.41 24.96
CA GLU A 233 11.45 -17.94 24.65
C GLU A 233 11.78 -17.64 23.19
N GLU A 234 10.87 -17.99 22.26
CA GLU A 234 10.99 -17.74 20.82
C GLU A 234 10.96 -16.23 20.50
N CYS A 235 10.11 -15.49 21.22
CA CYS A 235 10.02 -14.03 21.08
C CYS A 235 11.36 -13.36 21.35
N ALA A 236 11.98 -13.69 22.49
CA ALA A 236 13.28 -13.21 22.95
C ALA A 236 14.38 -13.47 21.92
N LEU A 237 14.36 -14.68 21.28
CA LEU A 237 15.32 -15.07 20.24
C LEU A 237 15.15 -14.25 18.96
N GLU A 238 13.90 -14.01 18.55
CA GLU A 238 13.57 -13.22 17.36
C GLU A 238 14.04 -11.77 17.48
N ILE A 239 13.99 -11.21 18.69
CA ILE A 239 14.46 -9.85 19.00
C ILE A 239 15.98 -9.78 18.81
N ILE A 240 16.72 -10.72 19.44
CA ILE A 240 18.18 -10.89 19.35
C ILE A 240 18.60 -11.08 17.88
N LYS A 241 17.88 -11.95 17.13
CA LYS A 241 18.14 -12.21 15.71
C LYS A 241 18.11 -10.92 14.89
N GLY A 242 17.04 -10.13 15.07
CA GLY A 242 16.83 -8.86 14.38
C GLY A 242 17.95 -7.87 14.62
N GLY A 243 18.38 -7.80 15.89
CA GLY A 243 19.50 -6.96 16.32
C GLY A 243 20.79 -7.38 15.66
N ALA A 244 21.13 -8.68 15.74
CA ALA A 244 22.34 -9.29 15.16
C ALA A 244 22.41 -9.05 13.64
N LEU A 245 21.25 -9.20 12.96
CA LEU A 245 21.12 -9.03 11.51
C LEU A 245 20.99 -7.58 11.07
N ARG A 246 20.94 -6.63 12.06
CA ARG A 246 20.84 -5.20 11.86
C ARG A 246 19.59 -4.84 11.07
N GLN A 247 18.51 -5.63 11.26
CA GLN A 247 17.20 -5.41 10.63
C GLN A 247 16.63 -4.15 11.25
N GLU A 248 15.96 -3.33 10.44
CA GLU A 248 15.36 -2.08 10.90
C GLU A 248 14.15 -2.34 11.77
N GLU A 249 13.40 -3.39 11.43
CA GLU A 249 12.20 -3.81 12.13
C GLU A 249 12.04 -5.33 12.23
N VAL A 250 11.43 -5.78 13.33
CA VAL A 250 11.11 -7.17 13.61
C VAL A 250 9.63 -7.18 13.89
N TYR A 251 8.90 -8.13 13.30
CA TYR A 251 7.47 -8.31 13.48
C TYR A 251 7.27 -9.73 14.01
N TYR A 252 6.70 -9.84 15.21
CA TYR A 252 6.51 -11.13 15.87
C TYR A 252 5.12 -11.24 16.49
N ASP A 253 4.29 -12.15 15.93
CA ASP A 253 2.93 -12.42 16.39
C ASP A 253 2.52 -13.86 16.02
N SER A 254 1.62 -14.46 16.83
CA SER A 254 1.05 -15.81 16.64
C SER A 254 0.23 -15.93 15.33
N SER A 255 -0.44 -14.84 14.91
CA SER A 255 -1.33 -14.78 13.75
C SER A 255 -0.65 -14.44 12.44
N ARG A 256 -1.00 -15.21 11.40
CA ARG A 256 -0.52 -15.03 10.02
C ARG A 256 -1.16 -13.76 9.40
N TRP A 257 -2.39 -13.39 9.82
CA TRP A 257 -3.16 -12.22 9.39
C TRP A 257 -2.54 -10.93 9.92
N THR A 258 -2.06 -10.98 11.15
CA THR A 258 -1.42 -9.85 11.81
C THR A 258 -0.12 -9.53 11.13
N THR A 259 0.75 -10.55 10.91
CA THR A 259 2.07 -10.35 10.27
C THR A 259 1.94 -9.85 8.81
N LEU A 260 0.86 -10.28 8.10
CA LEU A 260 0.56 -9.87 6.73
C LEU A 260 0.18 -8.37 6.64
N LEU A 261 -0.61 -7.88 7.61
CA LEU A 261 -1.15 -6.52 7.60
C LEU A 261 -0.37 -5.46 8.34
N ILE A 262 0.47 -5.85 9.31
CA ILE A 262 1.22 -4.97 10.19
C ILE A 262 2.23 -4.07 9.46
N ARG A 263 2.81 -4.58 8.37
CA ARG A 263 3.77 -3.84 7.57
C ARG A 263 3.11 -2.67 6.83
N ASN A 264 3.87 -1.55 6.73
CA ASN A 264 3.49 -0.35 6.04
C ASN A 264 4.48 -0.12 4.90
N PRO A 265 4.20 -0.72 3.72
CA PRO A 265 5.11 -0.54 2.57
C PRO A 265 5.12 0.87 2.00
N CYS A 266 3.96 1.54 2.08
CA CYS A 266 3.77 2.90 1.59
C CYS A 266 4.56 3.93 2.36
N ARG A 267 4.74 3.72 3.70
CA ARG A 267 5.54 4.61 4.55
C ARG A 267 6.98 4.66 4.05
N LYS A 268 7.58 3.51 3.81
CA LYS A 268 8.96 3.40 3.34
C LYS A 268 9.12 4.03 1.95
N ILE A 269 8.14 3.82 1.05
CA ILE A 269 8.10 4.45 -0.27
C ILE A 269 8.05 5.99 -0.10
N LEU A 270 7.14 6.51 0.75
CA LEU A 270 6.99 7.94 1.04
C LEU A 270 8.27 8.61 1.56
N GLU A 271 8.93 7.96 2.54
CA GLU A 271 10.16 8.47 3.15
C GLU A 271 11.28 8.61 2.11
N GLU A 272 11.38 7.64 1.20
CA GLU A 272 12.36 7.59 0.11
C GLU A 272 12.06 8.70 -0.89
N LEU A 273 10.79 8.91 -1.26
CA LEU A 273 10.47 9.99 -2.21
C LEU A 273 10.81 11.39 -1.65
N TYR A 274 10.79 11.53 -0.31
CA TYR A 274 11.11 12.77 0.41
C TYR A 274 12.59 12.86 0.80
N SER A 275 13.38 11.76 0.61
CA SER A 275 14.82 11.66 0.92
C SER A 275 15.72 12.54 0.04
N THR A 276 15.19 13.03 -1.09
CA THR A 276 15.91 13.90 -2.02
C THR A 276 15.72 15.39 -1.69
N SER A 277 14.80 15.70 -0.76
CA SER A 277 14.49 17.07 -0.38
C SER A 277 15.39 17.69 0.73
N TYR A 278 16.42 16.99 1.24
CA TYR A 278 17.26 17.53 2.32
C TYR A 278 18.75 17.77 2.02
N ASN A 279 19.31 18.80 2.72
CA ASN A 279 20.72 19.18 2.72
C ASN A 279 21.15 19.22 4.19
N MET A 280 21.90 18.19 4.63
CA MET A 280 22.37 18.13 6.02
C MET A 280 23.88 18.37 6.14
N ASP A 281 24.45 19.11 5.16
CA ASP A 281 25.86 19.49 5.12
C ASP A 281 26.08 20.75 5.99
N ARG A 282 25.68 20.67 7.27
CA ARG A 282 25.77 21.72 8.30
C ARG A 282 25.63 21.14 9.71
N MET B 4 -35.63 36.49 19.01
CA MET B 4 -35.72 35.57 17.88
C MET B 4 -35.02 34.21 18.16
N ALA B 5 -33.80 34.25 18.75
CA ALA B 5 -33.01 33.07 19.14
C ALA B 5 -33.83 32.07 19.98
N SER B 6 -34.71 32.58 20.88
CA SER B 6 -35.61 31.79 21.75
C SER B 6 -36.79 31.18 20.93
N MET B 7 -37.07 31.80 19.77
CA MET B 7 -38.14 31.42 18.83
C MET B 7 -37.57 30.63 17.65
N THR B 8 -36.22 30.43 17.63
CA THR B 8 -35.49 29.70 16.60
C THR B 8 -34.96 28.35 17.15
N GLY B 9 -34.93 27.35 16.28
CA GLY B 9 -34.43 26.01 16.56
C GLY B 9 -34.25 25.20 15.29
N GLY B 10 -33.56 24.07 15.39
CA GLY B 10 -33.29 23.17 14.28
C GLY B 10 -31.86 22.66 14.24
N GLN B 11 -31.50 21.93 13.16
CA GLN B 11 -30.15 21.39 12.99
C GLN B 11 -29.58 21.69 11.60
N GLN B 12 -28.28 22.05 11.56
CA GLN B 12 -27.52 22.31 10.34
C GLN B 12 -27.04 20.98 9.74
N MET B 13 -26.88 19.95 10.60
CA MET B 13 -26.34 18.64 10.23
C MET B 13 -27.42 17.61 9.85
N GLY B 14 -27.79 17.60 8.57
CA GLY B 14 -28.77 16.69 7.99
C GLY B 14 -28.16 15.75 6.98
N ARG B 15 -28.87 15.52 5.85
CA ARG B 15 -28.44 14.64 4.76
C ARG B 15 -27.28 15.24 3.95
N GLY B 16 -26.19 14.48 3.88
CA GLY B 16 -24.97 14.87 3.18
C GLY B 16 -24.02 15.75 3.98
N SER B 17 -24.39 16.05 5.25
CA SER B 17 -23.61 16.90 6.16
C SER B 17 -22.41 16.16 6.76
N ASN B 18 -22.33 14.84 6.52
CA ASN B 18 -21.25 13.96 6.96
C ASN B 18 -20.15 13.98 5.88
N GLU B 19 -20.53 14.52 4.68
CA GLU B 19 -19.69 14.57 3.49
C GLU B 19 -19.41 15.96 2.94
N GLU B 20 -20.44 16.84 2.83
CA GLU B 20 -20.21 18.17 2.26
C GLU B 20 -20.30 19.29 3.29
N PHE B 21 -19.17 19.99 3.48
CA PHE B 21 -19.03 21.08 4.44
C PHE B 21 -19.70 22.39 3.99
N ARG B 22 -20.27 23.12 4.96
CA ARG B 22 -20.83 24.45 4.77
C ARG B 22 -20.33 25.33 5.93
N PRO B 23 -19.97 26.62 5.68
CA PRO B 23 -19.48 27.47 6.79
C PRO B 23 -20.47 27.68 7.95
N GLU B 24 -21.76 27.44 7.68
CA GLU B 24 -22.88 27.59 8.64
C GLU B 24 -22.85 26.51 9.73
N MET B 25 -22.04 25.42 9.51
CA MET B 25 -21.88 24.33 10.50
C MET B 25 -21.15 24.85 11.74
N LEU B 26 -20.39 25.95 11.60
CA LEU B 26 -19.64 26.57 12.69
C LEU B 26 -20.33 27.80 13.28
N GLN B 27 -21.45 28.24 12.68
CA GLN B 27 -22.23 29.39 13.15
C GLN B 27 -22.76 29.16 14.57
N GLY B 28 -22.33 30.01 15.50
CA GLY B 28 -22.71 29.95 16.90
C GLY B 28 -22.03 28.86 17.71
N LYS B 29 -21.05 28.13 17.11
CA LYS B 29 -20.32 27.07 17.81
C LYS B 29 -19.29 27.65 18.74
N LYS B 30 -19.07 26.98 19.86
CA LYS B 30 -18.12 27.40 20.91
C LYS B 30 -16.79 26.67 20.70
N VAL B 31 -15.79 27.39 20.16
CA VAL B 31 -14.49 26.83 19.77
C VAL B 31 -13.29 27.42 20.52
N ILE B 32 -12.39 26.52 20.98
CA ILE B 32 -11.10 26.84 21.58
C ILE B 32 -10.05 26.59 20.49
N VAL B 33 -9.09 27.53 20.34
CA VAL B 33 -7.96 27.39 19.42
C VAL B 33 -6.70 27.68 20.23
N THR B 34 -5.82 26.67 20.36
CA THR B 34 -4.55 26.83 21.06
C THR B 34 -3.51 27.22 20.01
N GLY B 35 -2.43 27.87 20.43
CA GLY B 35 -1.41 28.38 19.51
C GLY B 35 -1.97 29.22 18.39
N ALA B 36 -2.95 30.11 18.73
CA ALA B 36 -3.67 30.93 17.75
C ALA B 36 -3.21 32.40 17.66
N SER B 37 -1.99 32.72 18.14
CA SER B 37 -1.45 34.08 18.03
C SER B 37 -0.78 34.28 16.66
N LYS B 38 -0.37 33.17 16.01
CA LYS B 38 0.29 33.19 14.71
C LYS B 38 0.08 31.87 13.95
N GLY B 39 0.57 31.83 12.71
CA GLY B 39 0.54 30.67 11.82
C GLY B 39 -0.82 30.09 11.53
N ILE B 40 -0.89 28.76 11.51
CA ILE B 40 -2.11 28.01 11.21
C ILE B 40 -3.22 28.31 12.24
N GLY B 41 -2.87 28.35 13.54
CA GLY B 41 -3.81 28.66 14.62
C GLY B 41 -4.56 29.96 14.43
N ARG B 42 -3.82 31.05 14.07
CA ARG B 42 -4.37 32.38 13.77
C ARG B 42 -5.34 32.31 12.58
N GLU B 43 -4.94 31.60 11.51
CA GLU B 43 -5.76 31.39 10.33
C GLU B 43 -7.08 30.68 10.66
N MET B 44 -7.03 29.69 11.58
CA MET B 44 -8.22 28.98 12.03
C MET B 44 -9.18 29.90 12.78
N ALA B 45 -8.63 30.76 13.69
CA ALA B 45 -9.40 31.75 14.45
C ALA B 45 -10.16 32.69 13.50
N TYR B 46 -9.46 33.17 12.45
CA TYR B 46 -9.97 34.06 11.40
C TYR B 46 -11.08 33.38 10.58
N HIS B 47 -10.88 32.11 10.19
CA HIS B 47 -11.91 31.36 9.48
C HIS B 47 -13.16 31.17 10.35
N LEU B 48 -12.97 30.81 11.64
CA LEU B 48 -14.07 30.59 12.59
C LEU B 48 -14.88 31.87 12.85
N ALA B 49 -14.17 33.03 12.90
CA ALA B 49 -14.74 34.36 13.07
C ALA B 49 -15.70 34.68 11.89
N LYS B 50 -15.21 34.47 10.64
CA LYS B 50 -15.97 34.65 9.40
C LYS B 50 -17.23 33.77 9.36
N MET B 51 -17.16 32.58 10.01
CA MET B 51 -18.28 31.62 10.10
C MET B 51 -19.29 31.96 11.21
N GLY B 52 -18.98 32.97 12.01
CA GLY B 52 -19.84 33.42 13.10
C GLY B 52 -19.80 32.54 14.33
N ALA B 53 -18.61 31.98 14.64
CA ALA B 53 -18.40 31.12 15.82
C ALA B 53 -17.95 31.95 16.99
N HIS B 54 -18.15 31.42 18.19
CA HIS B 54 -17.64 31.99 19.41
C HIS B 54 -16.22 31.41 19.51
N VAL B 55 -15.22 32.25 19.76
CA VAL B 55 -13.83 31.80 19.83
C VAL B 55 -13.11 32.24 21.08
N VAL B 56 -12.29 31.33 21.63
CA VAL B 56 -11.39 31.57 22.76
C VAL B 56 -10.02 31.10 22.29
N VAL B 57 -9.14 32.07 22.04
CA VAL B 57 -7.80 31.81 21.53
C VAL B 57 -6.78 31.87 22.63
N THR B 58 -5.71 31.06 22.52
CA THR B 58 -4.64 31.05 23.51
C THR B 58 -3.26 30.92 22.83
N ALA B 59 -2.24 31.40 23.55
CA ALA B 59 -0.80 31.40 23.28
C ALA B 59 -0.18 32.15 24.48
N ARG B 60 1.14 32.36 24.52
CA ARG B 60 1.75 33.06 25.65
C ARG B 60 1.61 34.58 25.52
N SER B 61 1.77 35.11 24.27
CA SER B 61 1.77 36.54 23.93
C SER B 61 0.40 37.22 23.95
N LYS B 62 0.13 37.92 25.06
CA LYS B 62 -1.09 38.69 25.35
C LYS B 62 -1.35 39.73 24.24
N GLU B 63 -0.28 40.43 23.82
CA GLU B 63 -0.29 41.49 22.80
C GLU B 63 -0.71 40.97 21.43
N THR B 64 -0.15 39.81 21.01
CA THR B 64 -0.48 39.22 19.71
C THR B 64 -1.91 38.62 19.74
N LEU B 65 -2.32 38.04 20.88
CA LEU B 65 -3.67 37.48 21.06
C LEU B 65 -4.74 38.60 21.00
N GLN B 66 -4.41 39.81 21.52
CA GLN B 66 -5.30 40.99 21.50
C GLN B 66 -5.64 41.38 20.06
N LYS B 67 -4.63 41.40 19.15
CA LYS B 67 -4.81 41.73 17.73
C LYS B 67 -5.64 40.69 17.00
N VAL B 68 -5.46 39.40 17.32
CA VAL B 68 -6.21 38.30 16.73
C VAL B 68 -7.69 38.42 17.13
N VAL B 69 -7.96 38.63 18.44
CA VAL B 69 -9.31 38.83 18.97
C VAL B 69 -10.00 40.02 18.27
N SER B 70 -9.31 41.19 18.22
CA SER B 70 -9.81 42.40 17.56
C SER B 70 -10.18 42.14 16.10
N HIS B 71 -9.31 41.43 15.36
CA HIS B 71 -9.58 41.11 13.97
C HIS B 71 -10.71 40.08 13.83
N CYS B 72 -10.86 39.16 14.81
CA CYS B 72 -11.93 38.13 14.83
C CYS B 72 -13.30 38.81 14.94
N LEU B 73 -13.39 39.84 15.80
CA LEU B 73 -14.62 40.62 16.00
C LEU B 73 -14.98 41.39 14.72
N GLU B 74 -13.97 41.93 14.00
CA GLU B 74 -14.12 42.65 12.72
C GLU B 74 -14.67 41.70 11.65
N LEU B 75 -14.19 40.45 11.64
CA LEU B 75 -14.57 39.40 10.69
C LEU B 75 -15.98 38.86 10.91
N GLY B 76 -16.54 39.09 12.09
CA GLY B 76 -17.91 38.67 12.40
C GLY B 76 -18.08 37.52 13.38
N ALA B 77 -17.13 37.36 14.33
CA ALA B 77 -17.23 36.32 15.35
C ALA B 77 -18.38 36.67 16.27
N ALA B 78 -19.15 35.66 16.73
CA ALA B 78 -20.26 35.85 17.66
C ALA B 78 -19.73 36.44 18.99
N SER B 79 -18.51 36.02 19.36
CA SER B 79 -17.73 36.51 20.50
C SER B 79 -16.27 36.10 20.29
N ALA B 80 -15.35 36.84 20.87
CA ALA B 80 -13.92 36.56 20.75
C ALA B 80 -13.22 37.00 22.01
N HIS B 81 -12.48 36.07 22.63
CA HIS B 81 -11.70 36.30 23.85
C HIS B 81 -10.35 35.62 23.77
N TYR B 82 -9.42 36.05 24.61
CA TYR B 82 -8.10 35.44 24.71
C TYR B 82 -7.75 35.22 26.19
N ILE B 83 -6.96 34.19 26.45
CA ILE B 83 -6.41 33.87 27.76
C ILE B 83 -4.95 33.52 27.45
N ALA B 84 -4.01 34.36 27.90
CA ALA B 84 -2.59 34.17 27.66
C ALA B 84 -1.94 33.30 28.75
N GLY B 85 -1.04 32.42 28.32
CA GLY B 85 -0.31 31.54 29.21
C GLY B 85 0.52 30.49 28.51
N THR B 86 1.38 29.80 29.28
CA THR B 86 2.24 28.75 28.73
C THR B 86 1.67 27.36 28.96
N MET B 87 1.72 26.53 27.92
CA MET B 87 1.25 25.15 27.95
C MET B 87 2.32 24.20 28.53
N GLU B 88 3.42 24.76 29.09
CA GLU B 88 4.45 24.05 29.84
C GLU B 88 3.87 23.82 31.26
N ASP B 89 2.90 24.69 31.66
CA ASP B 89 2.20 24.68 32.93
C ASP B 89 0.90 23.91 32.78
N MET B 90 0.84 22.69 33.34
CA MET B 90 -0.33 21.82 33.29
C MET B 90 -1.51 22.37 34.11
N THR B 91 -1.22 23.23 35.12
CA THR B 91 -2.25 23.90 35.93
C THR B 91 -2.91 24.97 35.05
N PHE B 92 -2.12 25.71 34.27
CA PHE B 92 -2.66 26.70 33.34
C PHE B 92 -3.57 26.00 32.30
N ALA B 93 -3.09 24.90 31.69
CA ALA B 93 -3.83 24.13 30.66
C ALA B 93 -5.24 23.71 31.14
N GLU B 94 -5.34 23.20 32.39
CA GLU B 94 -6.57 22.76 33.04
C GLU B 94 -7.51 23.94 33.33
N GLN B 95 -6.95 25.00 33.94
CA GLN B 95 -7.71 26.20 34.31
C GLN B 95 -8.16 26.98 33.10
N PHE B 96 -7.38 26.98 31.99
CA PHE B 96 -7.72 27.65 30.72
C PHE B 96 -9.03 27.13 30.15
N VAL B 97 -9.21 25.81 30.13
CA VAL B 97 -10.41 25.16 29.60
C VAL B 97 -11.67 25.58 30.38
N ALA B 98 -11.59 25.62 31.74
CA ALA B 98 -12.70 26.01 32.62
C ALA B 98 -13.10 27.48 32.36
N GLN B 99 -12.08 28.37 32.29
CA GLN B 99 -12.25 29.79 32.05
C GLN B 99 -12.80 30.07 30.66
N ALA B 100 -12.34 29.33 29.64
CA ALA B 100 -12.83 29.45 28.26
C ALA B 100 -14.29 29.02 28.15
N GLY B 101 -14.63 27.92 28.83
CA GLY B 101 -15.98 27.36 28.87
C GLY B 101 -16.99 28.27 29.54
N LYS B 102 -16.52 29.02 30.56
CA LYS B 102 -17.32 29.99 31.31
C LYS B 102 -17.62 31.22 30.42
N LEU B 103 -16.62 31.66 29.64
CA LEU B 103 -16.76 32.81 28.71
C LEU B 103 -17.77 32.54 27.62
N MET B 104 -17.85 31.30 27.13
CA MET B 104 -18.75 30.94 26.02
C MET B 104 -20.04 30.27 26.47
N GLY B 105 -20.07 29.79 27.71
CA GLY B 105 -21.23 29.06 28.21
C GLY B 105 -21.28 27.66 27.63
N GLY B 106 -20.11 27.02 27.56
CA GLY B 106 -19.96 25.68 27.02
C GLY B 106 -18.83 25.55 26.00
N LEU B 107 -18.76 24.38 25.34
CA LEU B 107 -17.70 24.09 24.38
C LEU B 107 -18.18 23.04 23.40
N ASP B 108 -17.99 23.31 22.11
CA ASP B 108 -18.37 22.40 21.00
C ASP B 108 -17.15 21.82 20.31
N MET B 109 -16.09 22.61 20.14
CA MET B 109 -14.87 22.16 19.47
C MET B 109 -13.60 22.59 20.20
N LEU B 110 -12.69 21.62 20.42
CA LEU B 110 -11.40 21.86 21.07
C LEU B 110 -10.32 21.68 20.01
N ILE B 111 -9.65 22.80 19.60
CA ILE B 111 -8.61 22.71 18.59
C ILE B 111 -7.24 22.81 19.26
N LEU B 112 -6.51 21.67 19.26
CA LEU B 112 -5.19 21.50 19.87
C LEU B 112 -4.14 21.65 18.77
N ASN B 113 -3.48 22.81 18.77
CA ASN B 113 -2.58 23.24 17.71
C ASN B 113 -1.19 23.71 18.17
N HIS B 114 -1.06 24.23 19.39
CA HIS B 114 0.24 24.72 19.89
C HIS B 114 1.34 23.66 19.92
N ILE B 115 2.59 24.14 19.82
CA ILE B 115 3.82 23.35 19.93
C ILE B 115 4.89 24.22 20.59
N THR B 116 5.88 23.58 21.24
CA THR B 116 7.03 24.27 21.80
C THR B 116 7.89 24.73 20.64
N ASN B 117 8.76 25.72 20.87
CA ASN B 117 9.67 26.22 19.83
C ASN B 117 10.66 25.11 19.49
N THR B 118 10.80 24.82 18.19
CA THR B 118 11.69 23.78 17.71
C THR B 118 12.43 24.25 16.47
N SER B 119 13.51 23.54 16.15
CA SER B 119 14.32 23.81 14.97
C SER B 119 14.73 22.46 14.37
N LEU B 120 15.20 22.50 13.11
CA LEU B 120 15.70 21.33 12.43
C LEU B 120 17.15 21.20 12.86
N ASN B 121 17.45 20.13 13.59
CA ASN B 121 18.80 19.84 14.07
C ASN B 121 18.95 18.34 14.24
N LEU B 122 20.19 17.84 14.07
CA LEU B 122 20.53 16.44 14.29
C LEU B 122 20.46 16.21 15.79
N PHE B 123 19.99 15.03 16.22
CA PHE B 123 19.92 14.77 17.64
C PHE B 123 21.26 14.31 18.20
N HIS B 124 21.72 14.97 19.28
CA HIS B 124 22.97 14.60 19.93
C HIS B 124 22.73 14.25 21.40
N ASP B 125 22.39 15.25 22.22
CA ASP B 125 22.22 15.02 23.66
C ASP B 125 21.20 15.95 24.33
N ASP B 126 20.36 16.63 23.55
CA ASP B 126 19.40 17.56 24.13
C ASP B 126 18.12 16.86 24.63
N ILE B 127 18.24 16.24 25.82
CA ILE B 127 17.16 15.53 26.51
C ILE B 127 16.09 16.52 27.01
N HIS B 128 16.51 17.76 27.33
CA HIS B 128 15.60 18.82 27.77
C HIS B 128 14.63 19.19 26.68
N HIS B 129 15.09 19.24 25.42
CA HIS B 129 14.22 19.49 24.27
C HIS B 129 13.30 18.27 24.01
N VAL B 130 13.77 17.02 24.25
CA VAL B 130 12.92 15.83 24.09
C VAL B 130 11.81 15.86 25.14
N ARG B 131 12.15 16.17 26.42
CA ARG B 131 11.17 16.27 27.52
C ARG B 131 10.16 17.38 27.30
N LYS B 132 10.64 18.60 26.98
CA LYS B 132 9.80 19.78 26.72
C LYS B 132 8.84 19.52 25.56
N SER B 133 9.33 18.86 24.47
CA SER B 133 8.51 18.48 23.31
C SER B 133 7.40 17.55 23.74
N MET B 134 7.71 16.52 24.56
CA MET B 134 6.68 15.61 25.04
C MET B 134 5.65 16.33 25.94
N GLU B 135 6.12 17.21 26.84
CA GLU B 135 5.29 17.97 27.76
C GLU B 135 4.33 18.93 27.05
N VAL B 136 4.87 19.81 26.19
CA VAL B 136 4.10 20.83 25.47
C VAL B 136 3.33 20.25 24.29
N ASN B 137 3.99 19.47 23.40
CA ASN B 137 3.28 18.99 22.21
C ASN B 137 2.32 17.84 22.47
N PHE B 138 2.52 17.08 23.59
CA PHE B 138 1.71 15.91 23.86
C PHE B 138 0.95 15.96 25.20
N LEU B 139 1.66 16.02 26.32
CA LEU B 139 1.05 15.95 27.65
C LEU B 139 0.01 17.04 27.90
N SER B 140 0.26 18.30 27.46
CA SER B 140 -0.69 19.40 27.62
C SER B 140 -1.97 19.13 26.84
N TYR B 141 -1.87 18.44 25.68
CA TYR B 141 -3.02 18.07 24.84
C TYR B 141 -3.92 17.13 25.61
N VAL B 142 -3.31 16.19 26.37
CA VAL B 142 -4.02 15.22 27.21
C VAL B 142 -4.72 15.96 28.38
N VAL B 143 -4.03 16.91 29.04
CA VAL B 143 -4.56 17.74 30.14
C VAL B 143 -5.75 18.62 29.66
N LEU B 144 -5.64 19.20 28.45
CA LEU B 144 -6.70 20.00 27.83
C LEU B 144 -7.92 19.15 27.50
N THR B 145 -7.70 17.90 27.04
CA THR B 145 -8.75 16.92 26.71
C THR B 145 -9.53 16.52 27.98
N VAL B 146 -8.81 16.17 29.07
CA VAL B 146 -9.40 15.77 30.36
C VAL B 146 -10.29 16.91 30.89
N ALA B 147 -9.77 18.15 30.86
CA ALA B 147 -10.47 19.35 31.32
C ALA B 147 -11.69 19.69 30.45
N ALA B 148 -11.60 19.44 29.12
CA ALA B 148 -12.67 19.74 28.16
C ALA B 148 -13.75 18.68 27.96
N LEU B 149 -13.46 17.40 28.27
CA LEU B 149 -14.37 16.26 28.03
C LEU B 149 -15.79 16.42 28.63
N PRO B 150 -16.00 16.81 29.92
CA PRO B 150 -17.39 16.97 30.42
C PRO B 150 -18.27 17.92 29.57
N MET B 151 -17.73 19.10 29.15
CA MET B 151 -18.44 20.05 28.28
C MET B 151 -18.65 19.48 26.89
N LEU B 152 -17.62 18.82 26.30
CA LEU B 152 -17.72 18.19 24.98
C LEU B 152 -18.72 17.05 24.93
N LYS B 153 -18.85 16.28 26.04
CA LYS B 153 -19.84 15.20 26.18
C LYS B 153 -21.25 15.79 26.18
N GLN B 154 -21.41 16.97 26.81
CA GLN B 154 -22.69 17.68 26.90
C GLN B 154 -23.18 18.16 25.53
N SER B 155 -22.26 18.63 24.69
CA SER B 155 -22.56 19.15 23.36
C SER B 155 -22.39 18.14 22.21
N ASN B 156 -21.91 16.91 22.50
CA ASN B 156 -21.57 15.89 21.50
C ASN B 156 -20.53 16.52 20.54
N GLY B 157 -19.56 17.18 21.17
CA GLY B 157 -18.51 17.97 20.55
C GLY B 157 -17.42 17.24 19.82
N SER B 158 -16.36 17.99 19.50
CA SER B 158 -15.24 17.50 18.71
C SER B 158 -13.89 17.91 19.23
N ILE B 159 -12.90 16.99 19.16
CA ILE B 159 -11.50 17.26 19.50
C ILE B 159 -10.75 17.24 18.17
N VAL B 160 -9.97 18.31 17.91
CA VAL B 160 -9.15 18.45 16.72
C VAL B 160 -7.70 18.50 17.15
N VAL B 161 -6.92 17.52 16.69
CA VAL B 161 -5.51 17.36 17.04
C VAL B 161 -4.64 17.65 15.82
N VAL B 162 -3.86 18.74 15.89
CA VAL B 162 -2.99 19.13 14.80
C VAL B 162 -1.64 18.38 14.90
N SER B 163 -1.37 17.57 13.89
CA SER B 163 -0.17 16.76 13.79
C SER B 163 0.61 17.12 12.51
N SER B 164 1.47 16.20 12.05
CA SER B 164 2.32 16.40 10.89
C SER B 164 2.51 15.08 10.13
N LEU B 165 3.07 15.15 8.90
CA LEU B 165 3.49 13.95 8.14
C LEU B 165 4.57 13.26 9.01
N ALA B 166 5.36 14.09 9.77
CA ALA B 166 6.41 13.66 10.70
C ALA B 166 5.82 12.94 11.92
N GLY B 167 4.49 12.89 12.03
CA GLY B 167 3.77 12.15 13.07
C GLY B 167 3.18 10.86 12.49
N LYS B 168 3.58 10.49 11.24
CA LYS B 168 3.10 9.31 10.50
C LYS B 168 4.23 8.57 9.82
N VAL B 169 5.24 9.29 9.33
CA VAL B 169 6.43 8.71 8.68
C VAL B 169 7.66 9.36 9.35
N ALA B 170 8.86 8.82 9.14
CA ALA B 170 10.09 9.36 9.74
C ALA B 170 10.80 10.36 8.85
N TYR B 171 11.38 11.40 9.47
CA TYR B 171 12.12 12.48 8.81
C TYR B 171 13.32 12.77 9.69
N PRO B 172 14.52 13.04 9.13
CA PRO B 172 15.64 13.39 10.01
C PRO B 172 15.47 14.84 10.50
N MET B 173 16.24 15.23 11.54
CA MET B 173 16.33 16.58 12.12
C MET B 173 15.14 17.02 12.98
N VAL B 174 14.14 16.14 13.16
CA VAL B 174 12.92 16.41 13.95
C VAL B 174 12.56 15.23 14.90
N ALA B 175 13.57 14.52 15.45
CA ALA B 175 13.42 13.36 16.33
C ALA B 175 12.45 13.58 17.49
N ALA B 176 12.70 14.64 18.30
CA ALA B 176 11.89 15.03 19.47
C ALA B 176 10.48 15.34 19.08
N TYR B 177 10.36 16.25 18.12
CA TYR B 177 9.12 16.72 17.52
C TYR B 177 8.27 15.54 17.00
N SER B 178 8.86 14.64 16.26
CA SER B 178 8.25 13.47 15.62
C SER B 178 7.81 12.46 16.67
N ALA B 179 8.62 12.31 17.73
CA ALA B 179 8.29 11.46 18.87
C ALA B 179 6.97 11.91 19.48
N SER B 180 6.85 13.22 19.76
CA SER B 180 5.63 13.83 20.32
C SER B 180 4.39 13.76 19.40
N LYS B 181 4.57 13.89 18.08
CA LYS B 181 3.48 13.81 17.09
C LYS B 181 2.97 12.37 16.91
N PHE B 182 3.91 11.39 16.93
CA PHE B 182 3.59 9.96 16.88
C PHE B 182 2.77 9.60 18.11
N ALA B 183 3.18 10.10 19.32
CA ALA B 183 2.52 9.88 20.61
C ALA B 183 1.06 10.37 20.60
N LEU B 184 0.77 11.50 19.90
CA LEU B 184 -0.59 12.03 19.75
C LEU B 184 -1.49 11.02 19.02
N ASP B 185 -0.94 10.37 17.98
CA ASP B 185 -1.62 9.37 17.20
C ASP B 185 -1.94 8.17 18.09
N GLY B 186 -0.94 7.65 18.79
CA GLY B 186 -1.11 6.52 19.68
C GLY B 186 -2.16 6.77 20.73
N PHE B 187 -2.02 7.89 21.45
CA PHE B 187 -2.95 8.27 22.51
C PHE B 187 -4.38 8.52 22.04
N PHE B 188 -4.57 9.46 21.12
CA PHE B 188 -5.91 9.86 20.66
C PHE B 188 -6.63 8.79 19.79
N SER B 189 -5.88 7.91 19.09
CA SER B 189 -6.52 6.84 18.30
C SER B 189 -7.04 5.74 19.22
N SER B 190 -6.39 5.55 20.38
CA SER B 190 -6.78 4.58 21.41
C SER B 190 -8.06 5.05 22.11
N ILE B 191 -8.11 6.33 22.56
CA ILE B 191 -9.27 6.87 23.25
C ILE B 191 -10.48 6.98 22.27
N ARG B 192 -10.23 7.13 20.95
CA ARG B 192 -11.31 7.13 19.94
C ARG B 192 -12.07 5.78 19.97
N LYS B 193 -11.32 4.66 20.01
CA LYS B 193 -11.85 3.31 20.12
C LYS B 193 -12.60 3.10 21.44
N GLU B 194 -12.07 3.68 22.54
CA GLU B 194 -12.67 3.68 23.87
C GLU B 194 -13.99 4.43 23.88
N TYR B 195 -14.05 5.62 23.25
CA TYR B 195 -15.26 6.44 23.16
C TYR B 195 -16.37 5.72 22.40
N SER B 196 -15.98 4.96 21.38
CA SER B 196 -16.87 4.16 20.54
C SER B 196 -17.61 3.08 21.36
N VAL B 197 -16.87 2.29 22.17
CA VAL B 197 -17.44 1.23 23.01
C VAL B 197 -18.21 1.81 24.21
N SER B 198 -17.74 2.94 24.78
CA SER B 198 -18.36 3.55 25.95
C SER B 198 -19.40 4.61 25.58
N ARG B 199 -19.74 4.68 24.30
CA ARG B 199 -20.74 5.57 23.70
C ARG B 199 -20.62 7.03 24.16
N VAL B 200 -19.39 7.57 24.03
CA VAL B 200 -19.05 8.97 24.28
C VAL B 200 -19.05 9.55 22.86
N ASN B 201 -20.03 10.39 22.54
CA ASN B 201 -20.19 10.95 21.20
C ASN B 201 -19.36 12.23 20.98
N VAL B 202 -18.03 12.11 21.17
CA VAL B 202 -17.05 13.17 20.98
C VAL B 202 -16.12 12.67 19.89
N SER B 203 -16.13 13.34 18.72
CA SER B 203 -15.26 12.96 17.60
C SER B 203 -13.81 13.43 17.85
N ILE B 204 -12.85 12.73 17.24
CA ILE B 204 -11.40 13.01 17.33
C ILE B 204 -10.84 13.03 15.90
N THR B 205 -10.35 14.20 15.46
CA THR B 205 -9.76 14.42 14.15
C THR B 205 -8.25 14.64 14.32
N LEU B 206 -7.43 13.74 13.75
CA LEU B 206 -5.97 13.89 13.73
C LEU B 206 -5.62 14.50 12.37
N CYS B 207 -5.00 15.69 12.37
CA CYS B 207 -4.67 16.39 11.12
C CYS B 207 -3.22 16.20 10.77
N VAL B 208 -2.95 15.52 9.66
CA VAL B 208 -1.62 15.16 9.17
C VAL B 208 -1.25 16.16 8.09
N LEU B 209 -0.42 17.13 8.48
CA LEU B 209 -0.02 18.21 7.60
C LEU B 209 1.40 18.07 7.10
N GLY B 210 1.60 18.46 5.85
CA GLY B 210 2.93 18.57 5.25
C GLY B 210 3.47 19.96 5.54
N LEU B 211 4.52 20.37 4.82
CA LEU B 211 5.10 21.72 4.97
C LEU B 211 4.08 22.81 4.62
N ILE B 212 3.92 23.80 5.54
CA ILE B 212 2.99 24.93 5.43
C ILE B 212 3.80 26.22 5.45
N ASP B 213 3.38 27.21 4.64
CA ASP B 213 4.11 28.48 4.48
C ASP B 213 4.02 29.46 5.69
N THR B 214 4.07 28.95 6.93
CA THR B 214 4.05 29.83 8.10
C THR B 214 5.46 30.41 8.26
N GLU B 215 5.57 31.63 8.84
CA GLU B 215 6.85 32.33 9.09
C GLU B 215 7.84 31.41 9.82
N THR B 216 7.35 30.72 10.89
CA THR B 216 8.12 29.76 11.70
C THR B 216 8.74 28.65 10.83
N ALA B 217 7.90 27.94 10.05
CA ALA B 217 8.32 26.83 9.19
C ALA B 217 9.24 27.25 8.08
N MET B 218 8.98 28.43 7.45
CA MET B 218 9.81 28.97 6.37
C MET B 218 11.21 29.34 6.86
N LYS B 219 11.31 29.87 8.09
CA LYS B 219 12.57 30.19 8.76
C LYS B 219 13.31 28.90 9.16
N ALA B 220 12.59 27.91 9.71
CA ALA B 220 13.15 26.61 10.15
C ALA B 220 13.77 25.77 9.03
N VAL B 221 13.13 25.75 7.85
CA VAL B 221 13.57 24.90 6.73
C VAL B 221 14.60 25.58 5.82
N SER B 222 14.75 26.92 5.91
CA SER B 222 15.66 27.74 5.11
C SER B 222 17.09 27.17 4.97
N GLY B 223 17.43 26.76 3.75
CA GLY B 223 18.73 26.21 3.37
C GLY B 223 18.97 24.76 3.77
N ILE B 224 18.02 24.15 4.46
CA ILE B 224 18.11 22.79 4.97
C ILE B 224 17.14 21.86 4.23
N VAL B 225 15.84 22.20 4.23
CA VAL B 225 14.79 21.40 3.59
C VAL B 225 14.29 22.17 2.36
N HIS B 226 14.30 21.52 1.17
CA HIS B 226 13.84 22.13 -0.09
C HIS B 226 12.62 21.36 -0.55
N MET B 227 11.48 21.79 -0.07
CA MET B 227 10.17 21.20 -0.34
C MET B 227 9.21 22.33 -0.65
N GLN B 228 8.17 22.00 -1.43
CA GLN B 228 7.09 22.92 -1.73
C GLN B 228 6.19 23.06 -0.46
N ALA B 229 5.85 24.31 -0.08
CA ALA B 229 5.02 24.62 1.07
C ALA B 229 3.62 24.95 0.62
N ALA B 230 2.62 24.44 1.36
CA ALA B 230 1.20 24.64 1.11
C ALA B 230 0.69 25.92 1.81
N PRO B 231 -0.37 26.61 1.31
CA PRO B 231 -0.80 27.86 1.98
C PRO B 231 -1.52 27.64 3.31
N LYS B 232 -1.13 28.44 4.31
CA LYS B 232 -1.65 28.39 5.70
C LYS B 232 -3.14 28.66 5.82
N GLU B 233 -3.70 29.51 4.95
CA GLU B 233 -5.11 29.90 4.94
C GLU B 233 -5.96 28.69 4.60
N GLU B 234 -5.60 27.98 3.50
CA GLU B 234 -6.29 26.77 3.03
C GLU B 234 -6.09 25.61 4.02
N CYS B 235 -4.90 25.51 4.61
CA CYS B 235 -4.56 24.49 5.61
C CYS B 235 -5.52 24.58 6.81
N ALA B 236 -5.65 25.80 7.36
CA ALA B 236 -6.52 26.14 8.48
C ALA B 236 -7.97 25.76 8.22
N LEU B 237 -8.46 26.01 7.00
CA LEU B 237 -9.83 25.69 6.58
C LEU B 237 -10.08 24.18 6.49
N GLU B 238 -9.10 23.44 5.96
CA GLU B 238 -9.18 21.99 5.84
C GLU B 238 -9.22 21.30 7.20
N ILE B 239 -8.54 21.87 8.22
CA ILE B 239 -8.55 21.38 9.60
C ILE B 239 -9.97 21.52 10.19
N ILE B 240 -10.54 22.74 10.10
CA ILE B 240 -11.90 23.09 10.55
C ILE B 240 -12.95 22.21 9.85
N LYS B 241 -12.82 22.00 8.51
CA LYS B 241 -13.71 21.16 7.72
C LYS B 241 -13.76 19.73 8.28
N GLY B 242 -12.59 19.15 8.51
CA GLY B 242 -12.42 17.80 9.07
C GLY B 242 -13.07 17.64 10.43
N GLY B 243 -12.90 18.64 11.29
CA GLY B 243 -13.50 18.70 12.61
C GLY B 243 -15.01 18.74 12.54
N ALA B 244 -15.56 19.68 11.73
CA ALA B 244 -17.00 19.85 11.47
C ALA B 244 -17.64 18.58 10.94
N LEU B 245 -16.95 17.90 10.00
CA LEU B 245 -17.41 16.65 9.37
C LEU B 245 -17.16 15.41 10.21
N ARG B 246 -16.50 15.58 11.38
CA ARG B 246 -16.21 14.52 12.35
C ARG B 246 -15.33 13.43 11.72
N GLN B 247 -14.46 13.84 10.75
CA GLN B 247 -13.55 12.93 10.07
C GLN B 247 -12.50 12.52 11.09
N GLU B 248 -12.09 11.24 11.06
CA GLU B 248 -11.10 10.70 11.99
C GLU B 248 -9.74 11.26 11.70
N GLU B 249 -9.45 11.48 10.41
CA GLU B 249 -8.18 12.00 9.94
C GLU B 249 -8.32 12.99 8.77
N VAL B 250 -7.42 13.97 8.73
CA VAL B 250 -7.32 14.97 7.65
C VAL B 250 -5.89 14.85 7.17
N TYR B 251 -5.69 14.81 5.86
CA TYR B 251 -4.39 14.74 5.20
C TYR B 251 -4.27 15.97 4.31
N TYR B 252 -3.30 16.83 4.60
CA TYR B 252 -3.10 18.06 3.86
C TYR B 252 -1.63 18.30 3.50
N ASP B 253 -1.32 18.24 2.21
CA ASP B 253 0.03 18.43 1.67
C ASP B 253 0.00 19.00 0.27
N SER B 254 1.11 19.69 -0.12
CA SER B 254 1.35 20.26 -1.47
C SER B 254 1.36 19.19 -2.56
N SER B 255 1.90 17.99 -2.27
CA SER B 255 1.93 16.90 -3.26
C SER B 255 0.66 16.10 -3.34
N ARG B 256 0.14 15.98 -4.57
CA ARG B 256 -1.05 15.22 -4.93
C ARG B 256 -0.81 13.71 -4.73
N TRP B 257 0.48 13.32 -4.74
CA TRP B 257 0.99 11.96 -4.57
C TRP B 257 1.08 11.57 -3.09
N THR B 258 1.48 12.51 -2.19
CA THR B 258 1.56 12.29 -0.74
C THR B 258 0.24 11.79 -0.22
N THR B 259 -0.82 12.49 -0.60
CA THR B 259 -2.22 12.19 -0.26
C THR B 259 -2.57 10.73 -0.64
N LEU B 260 -1.98 10.22 -1.74
CA LEU B 260 -2.16 8.84 -2.22
C LEU B 260 -1.48 7.80 -1.34
N LEU B 261 -0.23 8.07 -0.88
CA LEU B 261 0.57 7.12 -0.11
C LEU B 261 0.48 7.18 1.40
N ILE B 262 0.16 8.37 1.96
CA ILE B 262 0.17 8.63 3.41
C ILE B 262 -0.86 7.79 4.17
N ARG B 263 -1.96 7.42 3.53
CA ARG B 263 -3.01 6.59 4.12
C ARG B 263 -2.55 5.15 4.29
N ASN B 264 -2.97 4.53 5.41
CA ASN B 264 -2.62 3.15 5.73
C ASN B 264 -3.89 2.32 5.86
N PRO B 265 -4.36 1.74 4.73
CA PRO B 265 -5.57 0.89 4.76
C PRO B 265 -5.39 -0.38 5.58
N CYS B 266 -4.15 -0.92 5.62
CA CYS B 266 -3.79 -2.13 6.38
C CYS B 266 -3.97 -1.96 7.88
N ARG B 267 -3.62 -0.76 8.41
CA ARG B 267 -3.74 -0.45 9.83
C ARG B 267 -5.20 -0.54 10.27
N LYS B 268 -6.10 0.11 9.49
CA LYS B 268 -7.54 0.18 9.71
C LYS B 268 -8.15 -1.24 9.73
N ILE B 269 -7.80 -2.08 8.73
CA ILE B 269 -8.24 -3.47 8.65
C ILE B 269 -7.77 -4.29 9.88
N LEU B 270 -6.47 -4.20 10.23
CA LEU B 270 -5.89 -4.89 11.39
C LEU B 270 -6.66 -4.58 12.66
N GLU B 271 -6.93 -3.29 12.90
CA GLU B 271 -7.70 -2.74 14.02
C GLU B 271 -9.13 -3.31 14.05
N GLU B 272 -9.81 -3.33 12.87
CA GLU B 272 -11.17 -3.87 12.72
C GLU B 272 -11.20 -5.40 12.97
N LEU B 273 -10.12 -6.14 12.61
CA LEU B 273 -10.04 -7.58 12.90
C LEU B 273 -9.79 -7.84 14.41
N TYR B 274 -8.95 -7.00 15.07
CA TYR B 274 -8.65 -7.13 16.50
C TYR B 274 -9.79 -6.63 17.40
N SER B 275 -10.72 -5.83 16.86
CA SER B 275 -11.84 -5.29 17.64
C SER B 275 -12.77 -6.39 18.21
N THR B 276 -12.95 -7.49 17.46
CA THR B 276 -13.79 -8.63 17.85
C THR B 276 -13.19 -9.47 18.98
N SER B 277 -11.85 -9.42 19.17
CA SER B 277 -11.13 -10.21 20.18
C SER B 277 -11.23 -9.69 21.62
N TYR B 278 -12.05 -8.66 21.85
CA TYR B 278 -12.19 -8.12 23.21
C TYR B 278 -13.51 -8.47 23.89
N ASN B 279 -13.50 -8.25 25.19
CA ASN B 279 -14.61 -8.32 26.11
C ASN B 279 -14.44 -7.09 27.00
N MET B 280 -15.22 -6.04 26.74
CA MET B 280 -15.13 -4.82 27.53
C MET B 280 -16.36 -4.62 28.41
N ASP B 281 -17.01 -5.73 28.78
CA ASP B 281 -18.18 -5.75 29.66
C ASP B 281 -17.70 -5.73 31.14
N ARG B 282 -16.88 -4.71 31.49
CA ARG B 282 -16.29 -4.45 32.81
C ARG B 282 -15.80 -3.01 32.94
N MET C 4 32.03 -41.94 -15.80
CA MET C 4 31.35 -41.35 -14.65
C MET C 4 29.81 -41.30 -14.89
N ALA C 5 29.14 -40.17 -14.51
CA ALA C 5 27.70 -39.84 -14.60
C ALA C 5 26.76 -40.81 -13.84
N SER C 6 26.94 -42.12 -14.04
CA SER C 6 26.19 -43.21 -13.40
C SER C 6 26.57 -43.36 -11.91
N MET C 7 27.79 -42.91 -11.57
CA MET C 7 28.40 -42.95 -10.23
C MET C 7 28.27 -41.58 -9.55
N THR C 8 27.65 -40.60 -10.24
CA THR C 8 27.43 -39.23 -9.75
C THR C 8 25.95 -38.98 -9.43
N GLY C 9 25.73 -38.21 -8.37
CA GLY C 9 24.44 -37.78 -7.88
C GLY C 9 24.58 -36.68 -6.84
N GLY C 10 23.48 -35.98 -6.60
CA GLY C 10 23.41 -34.88 -5.63
C GLY C 10 22.56 -33.72 -6.11
N GLN C 11 22.37 -32.73 -5.21
CA GLN C 11 21.57 -31.53 -5.43
C GLN C 11 22.38 -30.23 -5.24
N GLN C 12 22.17 -29.26 -6.14
CA GLN C 12 22.81 -27.94 -6.09
C GLN C 12 21.99 -27.00 -5.19
N MET C 13 20.71 -27.32 -4.99
CA MET C 13 19.76 -26.51 -4.23
C MET C 13 19.65 -26.91 -2.75
N GLY C 14 20.51 -26.32 -1.92
CA GLY C 14 20.56 -26.56 -0.48
C GLY C 14 20.20 -25.35 0.35
N ARG C 15 20.92 -25.11 1.46
CA ARG C 15 20.65 -23.96 2.35
C ARG C 15 21.10 -22.64 1.71
N GLY C 16 20.16 -21.70 1.64
CA GLY C 16 20.38 -20.37 1.06
C GLY C 16 20.23 -20.30 -0.46
N SER C 17 19.87 -21.44 -1.10
CA SER C 17 19.68 -21.58 -2.54
C SER C 17 18.35 -20.99 -3.03
N ASN C 18 17.47 -20.58 -2.10
CA ASN C 18 16.17 -19.95 -2.35
C ASN C 18 16.38 -18.43 -2.46
N GLU C 19 17.52 -17.94 -1.92
CA GLU C 19 17.90 -16.54 -1.85
C GLU C 19 19.14 -16.17 -2.67
N GLU C 20 20.22 -16.99 -2.65
CA GLU C 20 21.44 -16.65 -3.38
C GLU C 20 21.73 -17.56 -4.56
N PHE C 21 21.73 -16.95 -5.76
CA PHE C 21 21.96 -17.62 -7.04
C PHE C 21 23.43 -17.97 -7.30
N ARG C 22 23.66 -19.12 -7.94
CA ARG C 22 24.97 -19.57 -8.41
C ARG C 22 24.81 -20.09 -9.85
N PRO C 23 25.77 -19.85 -10.76
CA PRO C 23 25.62 -20.34 -12.15
C PRO C 23 25.50 -21.86 -12.31
N GLU C 24 25.96 -22.60 -11.28
CA GLU C 24 25.94 -24.08 -11.24
C GLU C 24 24.53 -24.63 -11.08
N MET C 25 23.55 -23.77 -10.71
CA MET C 25 22.13 -24.16 -10.58
C MET C 25 21.54 -24.51 -11.96
N LEU C 26 22.16 -24.00 -13.05
CA LEU C 26 21.72 -24.26 -14.42
C LEU C 26 22.55 -25.34 -15.10
N GLN C 27 23.62 -25.83 -14.46
CA GLN C 27 24.50 -26.87 -15.00
C GLN C 27 23.73 -28.18 -15.24
N GLY C 28 23.67 -28.59 -16.51
CA GLY C 28 22.97 -29.79 -16.96
C GLY C 28 21.46 -29.66 -17.06
N LYS C 29 20.92 -28.45 -16.82
CA LYS C 29 19.47 -28.20 -16.88
C LYS C 29 19.00 -28.13 -18.34
N LYS C 30 17.77 -28.60 -18.58
CA LYS C 30 17.17 -28.68 -19.91
C LYS C 30 16.26 -27.46 -20.08
N VAL C 31 16.74 -26.47 -20.86
CA VAL C 31 16.09 -25.19 -21.04
C VAL C 31 15.68 -24.87 -22.49
N ILE C 32 14.41 -24.39 -22.63
CA ILE C 32 13.84 -23.89 -23.88
C ILE C 32 13.89 -22.36 -23.77
N VAL C 33 14.33 -21.68 -24.84
CA VAL C 33 14.34 -20.23 -24.93
C VAL C 33 13.66 -19.89 -26.25
N THR C 34 12.52 -19.16 -26.16
CA THR C 34 11.79 -18.73 -27.34
C THR C 34 12.30 -17.33 -27.66
N GLY C 35 12.11 -16.93 -28.92
CA GLY C 35 12.61 -15.66 -29.44
C GLY C 35 14.06 -15.45 -29.07
N ALA C 36 14.90 -16.48 -29.34
CA ALA C 36 16.32 -16.50 -28.96
C ALA C 36 17.31 -16.32 -30.12
N SER C 37 16.86 -15.72 -31.23
CA SER C 37 17.75 -15.46 -32.39
C SER C 37 18.44 -14.10 -32.21
N LYS C 38 17.82 -13.20 -31.39
CA LYS C 38 18.35 -11.87 -31.11
C LYS C 38 17.88 -11.33 -29.77
N GLY C 39 18.38 -10.15 -29.40
CA GLY C 39 18.02 -9.43 -28.18
C GLY C 39 18.23 -10.15 -26.86
N ILE C 40 17.26 -10.00 -25.94
CA ILE C 40 17.31 -10.60 -24.60
C ILE C 40 17.34 -12.14 -24.69
N GLY C 41 16.53 -12.74 -25.57
CA GLY C 41 16.47 -14.18 -25.79
C GLY C 41 17.81 -14.80 -26.10
N ARG C 42 18.58 -14.15 -27.04
CA ARG C 42 19.92 -14.58 -27.45
C ARG C 42 20.88 -14.50 -26.26
N GLU C 43 20.80 -13.40 -25.46
CA GLU C 43 21.63 -13.19 -24.28
C GLU C 43 21.38 -14.27 -23.23
N MET C 44 20.13 -14.69 -23.07
CA MET C 44 19.74 -15.77 -22.16
C MET C 44 20.37 -17.10 -22.61
N ALA C 45 20.30 -17.41 -23.91
CA ALA C 45 20.88 -18.64 -24.50
C ALA C 45 22.39 -18.69 -24.21
N TYR C 46 23.09 -17.56 -24.40
CA TYR C 46 24.52 -17.36 -24.16
C TYR C 46 24.87 -17.53 -22.69
N HIS C 47 24.08 -16.95 -21.78
CA HIS C 47 24.28 -17.13 -20.35
C HIS C 47 24.11 -18.60 -19.94
N LEU C 48 23.05 -19.26 -20.46
CA LEU C 48 22.76 -20.65 -20.15
C LEU C 48 23.85 -21.60 -20.65
N ALA C 49 24.43 -21.29 -21.84
CA ALA C 49 25.53 -22.00 -22.47
C ALA C 49 26.76 -21.99 -21.57
N LYS C 50 27.15 -20.78 -21.09
CA LYS C 50 28.26 -20.56 -20.16
C LYS C 50 28.07 -21.32 -18.86
N MET C 51 26.81 -21.50 -18.41
CA MET C 51 26.44 -22.24 -17.20
C MET C 51 26.43 -23.77 -17.39
N GLY C 52 26.59 -24.22 -18.63
CA GLY C 52 26.63 -25.63 -18.98
C GLY C 52 25.28 -26.32 -19.02
N ALA C 53 24.23 -25.56 -19.42
CA ALA C 53 22.89 -26.11 -19.56
C ALA C 53 22.74 -26.67 -20.97
N HIS C 54 21.71 -27.51 -21.15
CA HIS C 54 21.25 -28.02 -22.44
C HIS C 54 20.26 -26.96 -22.92
N VAL C 55 20.40 -26.51 -24.17
CA VAL C 55 19.51 -25.46 -24.69
C VAL C 55 18.88 -25.85 -26.02
N VAL C 56 17.61 -25.47 -26.14
CA VAL C 56 16.86 -25.57 -27.37
C VAL C 56 16.31 -24.17 -27.56
N VAL C 57 16.76 -23.52 -28.63
CA VAL C 57 16.39 -22.15 -28.95
C VAL C 57 15.45 -22.15 -30.14
N THR C 58 14.51 -21.19 -30.16
CA THR C 58 13.56 -21.05 -31.24
C THR C 58 13.35 -19.57 -31.61
N ALA C 59 12.92 -19.34 -32.86
CA ALA C 59 12.58 -18.10 -33.58
C ALA C 59 12.24 -18.54 -34.99
N ARG C 60 11.87 -17.61 -35.88
CA ARG C 60 11.56 -17.97 -37.28
C ARG C 60 12.81 -18.14 -38.17
N SER C 61 13.87 -17.37 -37.90
CA SER C 61 15.10 -17.34 -38.70
C SER C 61 16.08 -18.49 -38.38
N LYS C 62 16.05 -19.52 -39.23
CA LYS C 62 16.89 -20.73 -39.18
C LYS C 62 18.39 -20.35 -39.18
N GLU C 63 18.77 -19.39 -40.05
CA GLU C 63 20.12 -18.89 -40.22
C GLU C 63 20.68 -18.22 -38.97
N THR C 64 19.87 -17.38 -38.32
CA THR C 64 20.29 -16.68 -37.10
C THR C 64 20.33 -17.64 -35.91
N LEU C 65 19.41 -18.61 -35.86
CA LEU C 65 19.39 -19.64 -34.80
C LEU C 65 20.62 -20.56 -34.91
N GLN C 66 21.10 -20.84 -36.14
CA GLN C 66 22.29 -21.67 -36.40
C GLN C 66 23.53 -21.04 -35.75
N LYS C 67 23.70 -19.70 -35.90
CA LYS C 67 24.82 -18.96 -35.33
C LYS C 67 24.75 -18.92 -33.79
N VAL C 68 23.54 -18.79 -33.22
CA VAL C 68 23.34 -18.78 -31.75
C VAL C 68 23.73 -20.15 -31.20
N VAL C 69 23.26 -21.24 -31.82
CA VAL C 69 23.59 -22.62 -31.43
C VAL C 69 25.12 -22.84 -31.47
N SER C 70 25.76 -22.48 -32.60
CA SER C 70 27.22 -22.56 -32.78
C SER C 70 27.97 -21.83 -31.67
N HIS C 71 27.55 -20.59 -31.35
CA HIS C 71 28.18 -19.82 -30.29
C HIS C 71 27.90 -20.39 -28.89
N CYS C 72 26.71 -21.03 -28.68
CA CYS C 72 26.33 -21.69 -27.42
C CYS C 72 27.27 -22.86 -27.14
N LEU C 73 27.59 -23.65 -28.18
CA LEU C 73 28.50 -24.78 -28.08
C LEU C 73 29.91 -24.33 -27.73
N GLU C 74 30.36 -23.18 -28.34
CA GLU C 74 31.67 -22.56 -28.07
C GLU C 74 31.77 -22.12 -26.62
N LEU C 75 30.67 -21.56 -26.06
CA LEU C 75 30.57 -21.04 -24.69
C LEU C 75 30.54 -22.14 -23.64
N GLY C 76 30.23 -23.37 -24.04
CA GLY C 76 30.23 -24.51 -23.13
C GLY C 76 28.90 -25.11 -22.76
N ALA C 77 27.89 -25.01 -23.66
CA ALA C 77 26.58 -25.63 -23.46
C ALA C 77 26.77 -27.14 -23.48
N ALA C 78 26.02 -27.87 -22.63
CA ALA C 78 26.06 -29.33 -22.57
C ALA C 78 25.58 -29.89 -23.91
N SER C 79 24.61 -29.20 -24.53
CA SER C 79 24.06 -29.45 -25.87
C SER C 79 23.33 -28.19 -26.33
N ALA C 80 23.22 -28.01 -27.64
CA ALA C 80 22.56 -26.87 -28.21
C ALA C 80 21.94 -27.24 -29.54
N HIS C 81 20.61 -27.03 -29.67
CA HIS C 81 19.81 -27.29 -30.87
C HIS C 81 18.86 -26.12 -31.11
N TYR C 82 18.35 -26.03 -32.34
CA TYR C 82 17.37 -25.03 -32.73
C TYR C 82 16.25 -25.71 -33.50
N ILE C 83 15.05 -25.14 -33.41
CA ILE C 83 13.88 -25.56 -34.18
C ILE C 83 13.27 -24.24 -34.63
N ALA C 84 13.31 -23.95 -35.94
CA ALA C 84 12.79 -22.72 -36.50
C ALA C 84 11.29 -22.82 -36.84
N GLY C 85 10.57 -21.73 -36.57
CA GLY C 85 9.15 -21.66 -36.86
C GLY C 85 8.47 -20.43 -36.29
N THR C 86 7.21 -20.22 -36.71
CA THR C 86 6.43 -19.08 -36.24
C THR C 86 5.47 -19.45 -35.13
N MET C 87 5.43 -18.60 -34.10
CA MET C 87 4.57 -18.79 -32.94
C MET C 87 3.13 -18.24 -33.20
N GLU C 88 2.84 -17.87 -34.47
CA GLU C 88 1.51 -17.50 -34.96
C GLU C 88 0.75 -18.83 -35.19
N ASP C 89 1.50 -19.91 -35.43
CA ASP C 89 1.04 -21.27 -35.67
C ASP C 89 1.04 -22.04 -34.33
N MET C 90 -0.16 -22.29 -33.79
CA MET C 90 -0.36 -23.00 -32.53
C MET C 90 0.01 -24.49 -32.65
N THR C 91 -0.01 -25.06 -33.87
CA THR C 91 0.39 -26.44 -34.16
C THR C 91 1.92 -26.52 -34.03
N PHE C 92 2.63 -25.50 -34.54
CA PHE C 92 4.08 -25.44 -34.42
C PHE C 92 4.47 -25.35 -32.95
N ALA C 93 3.86 -24.39 -32.22
CA ALA C 93 4.10 -24.10 -30.80
C ALA C 93 4.01 -25.39 -29.99
N GLU C 94 2.90 -26.14 -30.18
CA GLU C 94 2.59 -27.43 -29.55
C GLU C 94 3.64 -28.50 -29.88
N GLN C 95 3.89 -28.77 -31.17
CA GLN C 95 4.85 -29.75 -31.66
C GLN C 95 6.30 -29.46 -31.32
N PHE C 96 6.66 -28.17 -31.22
CA PHE C 96 8.00 -27.66 -30.88
C PHE C 96 8.47 -28.20 -29.53
N VAL C 97 7.57 -28.19 -28.54
CA VAL C 97 7.84 -28.64 -27.15
C VAL C 97 8.14 -30.14 -27.11
N ALA C 98 7.37 -30.93 -27.87
CA ALA C 98 7.60 -32.37 -27.92
C ALA C 98 9.00 -32.71 -28.47
N GLN C 99 9.35 -32.07 -29.58
CA GLN C 99 10.61 -32.23 -30.30
C GLN C 99 11.79 -31.68 -29.54
N ALA C 100 11.59 -30.56 -28.80
CA ALA C 100 12.65 -29.97 -27.98
C ALA C 100 12.92 -30.86 -26.76
N GLY C 101 11.86 -31.43 -26.18
CA GLY C 101 11.92 -32.35 -25.06
C GLY C 101 12.60 -33.66 -25.41
N LYS C 102 12.42 -34.13 -26.65
CA LYS C 102 13.02 -35.37 -27.14
C LYS C 102 14.53 -35.17 -27.37
N LEU C 103 14.93 -34.00 -27.88
CA LEU C 103 16.33 -33.63 -28.11
C LEU C 103 17.15 -33.58 -26.81
N MET C 104 16.52 -33.12 -25.71
CA MET C 104 17.19 -33.00 -24.41
C MET C 104 16.93 -34.15 -23.45
N GLY C 105 15.90 -34.95 -23.74
CA GLY C 105 15.47 -36.04 -22.85
C GLY C 105 14.76 -35.51 -21.63
N GLY C 106 13.89 -34.52 -21.84
CA GLY C 106 13.14 -33.85 -20.77
C GLY C 106 13.20 -32.34 -20.83
N LEU C 107 12.66 -31.69 -19.79
CA LEU C 107 12.60 -30.24 -19.72
C LEU C 107 12.54 -29.80 -18.28
N ASP C 108 13.41 -28.83 -17.91
CA ASP C 108 13.49 -28.25 -16.55
C ASP C 108 12.99 -26.81 -16.52
N MET C 109 13.27 -26.03 -17.57
CA MET C 109 12.88 -24.64 -17.63
C MET C 109 12.33 -24.25 -19.00
N LEU C 110 11.17 -23.59 -19.02
CA LEU C 110 10.53 -23.09 -20.24
C LEU C 110 10.60 -21.55 -20.19
N ILE C 111 11.42 -20.96 -21.06
CA ILE C 111 11.55 -19.50 -21.09
C ILE C 111 10.76 -18.94 -22.28
N LEU C 112 9.64 -18.26 -21.96
CA LEU C 112 8.71 -17.67 -22.92
C LEU C 112 9.06 -16.20 -23.05
N ASN C 113 9.67 -15.86 -24.19
CA ASN C 113 10.27 -14.55 -24.45
C ASN C 113 9.87 -13.90 -25.78
N HIS C 114 9.53 -14.67 -26.82
CA HIS C 114 9.14 -14.14 -28.12
C HIS C 114 7.92 -13.21 -28.08
N ILE C 115 7.88 -12.29 -29.04
CA ILE C 115 6.78 -11.38 -29.27
C ILE C 115 6.58 -11.17 -30.76
N THR C 116 5.45 -10.57 -31.12
CA THR C 116 5.19 -10.21 -32.50
C THR C 116 5.90 -8.87 -32.76
N ASN C 117 6.31 -8.63 -34.02
CA ASN C 117 6.95 -7.38 -34.40
C ASN C 117 5.99 -6.22 -34.14
N THR C 118 6.44 -5.24 -33.35
CA THR C 118 5.62 -4.08 -33.00
C THR C 118 6.42 -2.78 -33.12
N SER C 119 5.73 -1.64 -33.01
CA SER C 119 6.34 -0.33 -33.06
C SER C 119 5.54 0.60 -32.15
N LEU C 120 6.12 1.76 -31.81
CA LEU C 120 5.43 2.76 -31.01
C LEU C 120 4.59 3.56 -32.00
N ASN C 121 3.26 3.45 -31.86
CA ASN C 121 2.30 4.16 -32.70
C ASN C 121 1.01 4.34 -31.92
N LEU C 122 0.26 5.41 -32.23
CA LEU C 122 -1.05 5.67 -31.63
C LEU C 122 -2.00 4.65 -32.23
N PHE C 123 -2.95 4.16 -31.43
CA PHE C 123 -3.89 3.18 -31.96
C PHE C 123 -5.04 3.91 -32.71
N HIS C 124 -5.35 3.43 -33.91
CA HIS C 124 -6.43 4.00 -34.70
C HIS C 124 -7.47 2.92 -35.03
N ASP C 125 -7.10 1.96 -35.89
CA ASP C 125 -8.05 0.94 -36.34
C ASP C 125 -7.40 -0.42 -36.67
N ASP C 126 -6.15 -0.63 -36.23
CA ASP C 126 -5.44 -1.85 -36.54
C ASP C 126 -5.79 -3.01 -35.58
N ILE C 127 -6.97 -3.61 -35.81
CA ILE C 127 -7.49 -4.75 -35.06
C ILE C 127 -6.66 -6.03 -35.36
N HIS C 128 -6.09 -6.12 -36.58
CA HIS C 128 -5.25 -7.23 -37.00
C HIS C 128 -3.99 -7.29 -36.15
N HIS C 129 -3.40 -6.13 -35.82
CA HIS C 129 -2.24 -6.04 -34.92
C HIS C 129 -2.64 -6.36 -33.48
N VAL C 130 -3.87 -6.01 -33.05
CA VAL C 130 -4.36 -6.35 -31.70
C VAL C 130 -4.54 -7.87 -31.58
N ARG C 131 -5.18 -8.51 -32.60
CA ARG C 131 -5.38 -9.96 -32.64
C ARG C 131 -4.06 -10.74 -32.72
N LYS C 132 -3.16 -10.35 -33.64
CA LYS C 132 -1.84 -10.99 -33.80
C LYS C 132 -1.01 -10.88 -32.51
N SER C 133 -1.04 -9.71 -31.84
CA SER C 133 -0.39 -9.49 -30.54
C SER C 133 -0.93 -10.44 -29.49
N MET C 134 -2.27 -10.61 -29.42
CA MET C 134 -2.86 -11.53 -28.45
C MET C 134 -2.48 -12.99 -28.77
N GLU C 135 -2.51 -13.37 -30.06
CA GLU C 135 -2.15 -14.71 -30.53
C GLU C 135 -0.69 -15.07 -30.24
N VAL C 136 0.27 -14.26 -30.73
CA VAL C 136 1.72 -14.50 -30.54
C VAL C 136 2.19 -14.27 -29.10
N ASN C 137 1.97 -13.05 -28.58
CA ASN C 137 2.45 -12.67 -27.25
C ASN C 137 1.77 -13.35 -26.10
N PHE C 138 0.54 -13.85 -26.30
CA PHE C 138 -0.21 -14.44 -25.19
C PHE C 138 -0.66 -15.90 -25.45
N LEU C 139 -1.50 -16.13 -26.46
CA LEU C 139 -2.07 -17.46 -26.70
C LEU C 139 -1.02 -18.54 -26.94
N SER C 140 0.06 -18.23 -27.67
CA SER C 140 1.13 -19.23 -27.92
C SER C 140 1.89 -19.58 -26.63
N TYR C 141 1.96 -18.63 -25.67
CA TYR C 141 2.57 -18.86 -24.36
C TYR C 141 1.74 -19.89 -23.59
N VAL C 142 0.41 -19.81 -23.71
CA VAL C 142 -0.54 -20.74 -23.08
C VAL C 142 -0.41 -22.13 -23.73
N VAL C 143 -0.37 -22.19 -25.08
CA VAL C 143 -0.19 -23.46 -25.84
C VAL C 143 1.15 -24.14 -25.43
N LEU C 144 2.26 -23.36 -25.36
CA LEU C 144 3.59 -23.83 -24.98
C LEU C 144 3.60 -24.39 -23.55
N THR C 145 2.85 -23.74 -22.63
CA THR C 145 2.70 -24.16 -21.24
C THR C 145 1.94 -25.51 -21.15
N VAL C 146 0.80 -25.64 -21.83
CA VAL C 146 0.01 -26.88 -21.89
C VAL C 146 0.86 -28.04 -22.41
N ALA C 147 1.60 -27.80 -23.52
CA ALA C 147 2.45 -28.82 -24.14
C ALA C 147 3.65 -29.20 -23.25
N ALA C 148 4.19 -28.23 -22.49
CA ALA C 148 5.37 -28.44 -21.61
C ALA C 148 5.11 -28.95 -20.22
N LEU C 149 3.88 -28.76 -19.69
CA LEU C 149 3.51 -29.10 -18.31
C LEU C 149 3.80 -30.57 -17.91
N PRO C 150 3.44 -31.64 -18.68
CA PRO C 150 3.79 -33.00 -18.25
C PRO C 150 5.29 -33.24 -17.96
N MET C 151 6.20 -32.74 -18.83
CA MET C 151 7.66 -32.81 -18.61
C MET C 151 8.10 -31.96 -17.42
N LEU C 152 7.56 -30.72 -17.30
CA LEU C 152 7.88 -29.83 -16.18
C LEU C 152 7.41 -30.39 -14.83
N LYS C 153 6.26 -31.11 -14.80
CA LYS C 153 5.74 -31.77 -13.59
C LYS C 153 6.72 -32.90 -13.19
N GLN C 154 7.28 -33.61 -14.18
CA GLN C 154 8.23 -34.71 -13.97
C GLN C 154 9.54 -34.22 -13.31
N SER C 155 10.01 -33.02 -13.71
CA SER C 155 11.25 -32.45 -13.21
C SER C 155 11.08 -31.44 -12.07
N ASN C 156 9.83 -31.10 -11.71
CA ASN C 156 9.49 -30.03 -10.73
C ASN C 156 10.11 -28.73 -11.25
N GLY C 157 9.91 -28.52 -12.56
CA GLY C 157 10.47 -27.45 -13.37
C GLY C 157 9.94 -26.04 -13.15
N SER C 158 10.28 -25.15 -14.08
CA SER C 158 9.95 -23.74 -14.01
C SER C 158 9.47 -23.16 -15.32
N ILE C 159 8.50 -22.24 -15.24
CA ILE C 159 7.99 -21.47 -16.39
C ILE C 159 8.46 -20.02 -16.14
N VAL C 160 9.12 -19.43 -17.14
CA VAL C 160 9.62 -18.06 -17.08
C VAL C 160 8.90 -17.27 -18.16
N VAL C 161 8.13 -16.26 -17.75
CA VAL C 161 7.30 -15.42 -18.63
C VAL C 161 7.90 -14.02 -18.69
N VAL C 162 8.38 -13.66 -19.85
CA VAL C 162 8.98 -12.36 -20.08
C VAL C 162 7.89 -11.33 -20.41
N SER C 163 7.79 -10.32 -19.55
CA SER C 163 6.82 -9.25 -19.66
C SER C 163 7.54 -7.90 -19.70
N SER C 164 6.82 -6.83 -19.41
CA SER C 164 7.31 -5.46 -19.47
C SER C 164 6.68 -4.62 -18.34
N LEU C 165 7.22 -3.40 -18.11
CA LEU C 165 6.61 -2.41 -17.20
C LEU C 165 5.24 -2.10 -17.80
N ALA C 166 5.15 -2.11 -19.16
CA ALA C 166 3.93 -1.89 -19.96
C ALA C 166 2.90 -3.03 -19.79
N GLY C 167 3.27 -4.08 -19.05
CA GLY C 167 2.39 -5.18 -18.65
C GLY C 167 1.96 -5.05 -17.20
N LYS C 168 2.24 -3.86 -16.57
CA LYS C 168 1.94 -3.58 -15.15
C LYS C 168 1.37 -2.19 -14.97
N VAL C 169 1.86 -1.21 -15.76
CA VAL C 169 1.41 0.19 -15.72
C VAL C 169 1.10 0.58 -17.17
N ALA C 170 0.42 1.69 -17.39
CA ALA C 170 0.00 2.20 -18.68
C ALA C 170 1.00 3.14 -19.34
N TYR C 171 1.11 2.98 -20.67
CA TYR C 171 1.97 3.73 -21.56
C TYR C 171 1.20 4.01 -22.82
N PRO C 172 1.35 5.20 -23.43
CA PRO C 172 0.73 5.42 -24.75
C PRO C 172 1.59 4.72 -25.82
N MET C 173 1.07 4.58 -27.04
CA MET C 173 1.76 4.05 -28.24
C MET C 173 2.03 2.54 -28.25
N VAL C 174 1.60 1.80 -27.22
CA VAL C 174 1.79 0.34 -27.08
C VAL C 174 0.50 -0.35 -26.58
N ALA C 175 -0.70 0.07 -27.06
CA ALA C 175 -1.98 -0.48 -26.60
C ALA C 175 -2.13 -2.01 -26.75
N ALA C 176 -1.99 -2.52 -27.98
CA ALA C 176 -2.07 -3.94 -28.37
C ALA C 176 -1.03 -4.78 -27.63
N TYR C 177 0.20 -4.27 -27.56
CA TYR C 177 1.33 -4.91 -26.91
C TYR C 177 1.08 -5.05 -25.40
N SER C 178 0.67 -3.95 -24.80
CA SER C 178 0.39 -3.76 -23.40
C SER C 178 -0.75 -4.68 -22.93
N ALA C 179 -1.80 -4.80 -23.74
CA ALA C 179 -2.98 -5.67 -23.52
C ALA C 179 -2.52 -7.13 -23.46
N SER C 180 -1.62 -7.54 -24.38
CA SER C 180 -1.05 -8.91 -24.43
C SER C 180 -0.16 -9.21 -23.20
N LYS C 181 0.59 -8.20 -22.70
CA LYS C 181 1.45 -8.36 -21.50
C LYS C 181 0.64 -8.38 -20.19
N PHE C 182 -0.43 -7.55 -20.10
CA PHE C 182 -1.37 -7.53 -18.98
C PHE C 182 -2.07 -8.89 -18.90
N ALA C 183 -2.48 -9.46 -20.06
CA ALA C 183 -3.14 -10.78 -20.16
C ALA C 183 -2.28 -11.92 -19.61
N LEU C 184 -0.94 -11.85 -19.82
CA LEU C 184 0.02 -12.84 -19.32
C LEU C 184 0.00 -12.87 -17.78
N ASP C 185 -0.09 -11.67 -17.17
CA ASP C 185 -0.15 -11.52 -15.72
C ASP C 185 -1.43 -12.17 -15.20
N GLY C 186 -2.58 -11.81 -15.78
CA GLY C 186 -3.85 -12.38 -15.37
C GLY C 186 -3.88 -13.89 -15.46
N PHE C 187 -3.48 -14.42 -16.61
CA PHE C 187 -3.47 -15.85 -16.87
C PHE C 187 -2.52 -16.64 -15.97
N PHE C 188 -1.22 -16.29 -16.02
CA PHE C 188 -0.19 -17.04 -15.27
C PHE C 188 -0.26 -16.86 -13.74
N SER C 189 -0.80 -15.74 -13.26
CA SER C 189 -0.93 -15.53 -11.81
C SER C 189 -2.10 -16.39 -11.25
N SER C 190 -3.13 -16.65 -12.09
CA SER C 190 -4.28 -17.48 -11.76
C SER C 190 -3.87 -18.97 -11.68
N ILE C 191 -3.14 -19.47 -12.72
CA ILE C 191 -2.68 -20.85 -12.73
C ILE C 191 -1.62 -21.11 -11.65
N ARG C 192 -0.88 -20.07 -11.21
CA ARG C 192 0.10 -20.18 -10.11
C ARG C 192 -0.64 -20.58 -8.82
N LYS C 193 -1.77 -19.94 -8.54
CA LYS C 193 -2.64 -20.22 -7.38
C LYS C 193 -3.23 -21.63 -7.48
N GLU C 194 -3.62 -22.05 -8.70
CA GLU C 194 -4.17 -23.38 -8.99
C GLU C 194 -3.11 -24.46 -8.74
N TYR C 195 -1.86 -24.22 -9.20
CA TYR C 195 -0.75 -25.18 -9.02
C TYR C 195 -0.42 -25.37 -7.54
N SER C 196 -0.54 -24.30 -6.77
CA SER C 196 -0.30 -24.27 -5.33
C SER C 196 -1.26 -25.21 -4.59
N VAL C 197 -2.58 -25.10 -4.84
CA VAL C 197 -3.60 -25.94 -4.21
C VAL C 197 -3.55 -27.39 -4.71
N SER C 198 -3.24 -27.59 -6.02
CA SER C 198 -3.23 -28.92 -6.62
C SER C 198 -1.86 -29.57 -6.55
N ARG C 199 -0.94 -28.95 -5.80
CA ARG C 199 0.43 -29.40 -5.54
C ARG C 199 1.17 -29.85 -6.83
N VAL C 200 1.16 -28.94 -7.82
CA VAL C 200 1.91 -29.07 -9.06
C VAL C 200 3.12 -28.20 -8.77
N ASN C 201 4.29 -28.82 -8.56
CA ASN C 201 5.50 -28.09 -8.19
C ASN C 201 6.24 -27.54 -9.40
N VAL C 202 5.56 -26.68 -10.17
CA VAL C 202 6.12 -25.97 -11.33
C VAL C 202 6.00 -24.49 -10.99
N SER C 203 7.14 -23.82 -10.80
CA SER C 203 7.18 -22.39 -10.50
C SER C 203 6.88 -21.56 -11.75
N ILE C 204 6.33 -20.34 -11.54
CA ILE C 204 5.98 -19.37 -12.58
C ILE C 204 6.58 -18.01 -12.18
N THR C 205 7.53 -17.53 -13.00
CA THR C 205 8.22 -16.25 -12.83
C THR C 205 7.76 -15.28 -13.92
N LEU C 206 7.12 -14.17 -13.54
CA LEU C 206 6.73 -13.09 -14.45
C LEU C 206 7.83 -12.02 -14.36
N CYS C 207 8.51 -11.74 -15.48
CA CYS C 207 9.60 -10.76 -15.48
C CYS C 207 9.15 -9.44 -16.03
N VAL C 208 9.17 -8.40 -15.20
CA VAL C 208 8.73 -7.04 -15.49
C VAL C 208 9.92 -6.21 -15.82
N LEU C 209 10.16 -5.99 -17.12
CA LEU C 209 11.32 -5.26 -17.60
C LEU C 209 11.01 -3.87 -18.09
N GLY C 210 11.94 -2.95 -17.79
CA GLY C 210 11.92 -1.59 -18.32
C GLY C 210 12.61 -1.56 -19.66
N LEU C 211 13.03 -0.34 -20.12
CA LEU C 211 13.76 -0.17 -21.38
C LEU C 211 15.08 -0.89 -21.35
N ILE C 212 15.32 -1.75 -22.38
CA ILE C 212 16.55 -2.57 -22.54
C ILE C 212 17.20 -2.18 -23.87
N ASP C 213 18.53 -2.12 -23.90
CA ASP C 213 19.31 -1.68 -25.07
C ASP C 213 19.35 -2.70 -26.24
N THR C 214 18.25 -3.40 -26.53
CA THR C 214 18.23 -4.30 -27.68
C THR C 214 18.07 -3.47 -28.95
N GLU C 215 18.59 -3.95 -30.10
CA GLU C 215 18.47 -3.31 -31.41
C GLU C 215 17.02 -2.90 -31.71
N THR C 216 16.06 -3.83 -31.48
CA THR C 216 14.62 -3.64 -31.68
C THR C 216 14.10 -2.45 -30.89
N ALA C 217 14.34 -2.44 -29.54
CA ALA C 217 13.88 -1.39 -28.63
C ALA C 217 14.52 -0.04 -28.91
N MET C 218 15.82 -0.02 -29.24
CA MET C 218 16.56 1.20 -29.54
C MET C 218 16.05 1.86 -30.81
N LYS C 219 15.69 1.05 -31.82
CA LYS C 219 15.10 1.51 -33.07
C LYS C 219 13.67 2.00 -32.85
N ALA C 220 12.89 1.27 -32.03
CA ALA C 220 11.50 1.61 -31.73
C ALA C 220 11.32 2.94 -31.00
N VAL C 221 12.19 3.25 -30.03
CA VAL C 221 12.08 4.46 -29.20
C VAL C 221 12.79 5.70 -29.80
N SER C 222 13.67 5.51 -30.80
CA SER C 222 14.43 6.57 -31.48
C SER C 222 13.57 7.78 -31.94
N GLY C 223 13.85 8.93 -31.35
CA GLY C 223 13.16 10.18 -31.64
C GLY C 223 11.79 10.36 -30.99
N ILE C 224 11.35 9.33 -30.25
CA ILE C 224 10.05 9.33 -29.59
C ILE C 224 10.29 9.35 -28.07
N VAL C 225 11.27 8.60 -27.60
CA VAL C 225 11.53 8.44 -26.19
C VAL C 225 13.00 8.72 -25.82
N HIS C 226 13.24 9.71 -24.96
CA HIS C 226 14.59 10.08 -24.52
C HIS C 226 14.76 9.62 -23.10
N MET C 227 15.34 8.42 -22.92
CA MET C 227 15.57 7.79 -21.60
C MET C 227 16.65 6.70 -21.65
N GLN C 228 17.20 6.34 -20.47
CA GLN C 228 18.23 5.33 -20.29
C GLN C 228 17.70 3.90 -20.48
N ALA C 229 18.46 3.11 -21.23
CA ALA C 229 18.20 1.72 -21.52
C ALA C 229 19.12 0.86 -20.67
N ALA C 230 18.56 -0.09 -19.97
CA ALA C 230 19.35 -1.02 -19.17
C ALA C 230 20.12 -2.02 -20.10
N PRO C 231 21.28 -2.60 -19.69
CA PRO C 231 21.97 -3.53 -20.62
C PRO C 231 21.32 -4.91 -20.72
N LYS C 232 21.21 -5.42 -21.97
CA LYS C 232 20.58 -6.69 -22.33
C LYS C 232 21.23 -7.92 -21.71
N GLU C 233 22.58 -7.86 -21.52
CA GLU C 233 23.36 -8.96 -20.94
C GLU C 233 22.95 -9.19 -19.50
N GLU C 234 22.91 -8.11 -18.69
CA GLU C 234 22.50 -8.12 -17.28
C GLU C 234 21.01 -8.45 -17.13
N CYS C 235 20.18 -7.92 -18.03
CA CYS C 235 18.74 -8.20 -18.06
C CYS C 235 18.47 -9.70 -18.18
N ALA C 236 19.10 -10.35 -19.18
CA ALA C 236 19.04 -11.77 -19.47
C ALA C 236 19.40 -12.62 -18.27
N LEU C 237 20.45 -12.22 -17.52
CA LEU C 237 20.93 -12.92 -16.33
C LEU C 237 19.93 -12.82 -15.17
N GLU C 238 19.33 -11.65 -15.00
CA GLU C 238 18.35 -11.41 -13.94
C GLU C 238 17.09 -12.26 -14.14
N ILE C 239 16.69 -12.48 -15.40
CA ILE C 239 15.54 -13.32 -15.77
C ILE C 239 15.82 -14.79 -15.36
N ILE C 240 16.99 -15.33 -15.78
CA ILE C 240 17.49 -16.67 -15.46
C ILE C 240 17.58 -16.86 -13.93
N LYS C 241 18.12 -15.85 -13.21
CA LYS C 241 18.25 -15.88 -11.74
C LYS C 241 16.91 -16.09 -11.08
N GLY C 242 15.92 -15.30 -11.49
CA GLY C 242 14.55 -15.37 -10.99
C GLY C 242 13.91 -16.73 -11.18
N GLY C 243 14.12 -17.30 -12.37
CA GLY C 243 13.64 -18.63 -12.72
C GLY C 243 14.26 -19.70 -11.85
N ALA C 244 15.62 -19.69 -11.72
CA ALA C 244 16.40 -20.62 -10.92
C ALA C 244 15.99 -20.58 -9.47
N LEU C 245 15.75 -19.35 -8.94
CA LEU C 245 15.34 -19.10 -7.53
C LEU C 245 13.86 -19.31 -7.29
N ARG C 246 13.09 -19.62 -8.36
CA ARG C 246 11.64 -19.85 -8.34
C ARG C 246 10.88 -18.64 -7.79
N GLN C 247 11.40 -17.43 -8.07
CA GLN C 247 10.79 -16.17 -7.67
C GLN C 247 9.52 -16.01 -8.50
N GLU C 248 8.45 -15.48 -7.89
CA GLU C 248 7.17 -15.27 -8.55
C GLU C 248 7.26 -14.16 -9.57
N GLU C 249 8.04 -13.12 -9.24
CA GLU C 249 8.25 -11.94 -10.06
C GLU C 249 9.67 -11.41 -10.01
N VAL C 250 10.11 -10.87 -11.15
CA VAL C 250 11.40 -10.22 -11.31
C VAL C 250 11.07 -8.82 -11.81
N TYR C 251 11.72 -7.80 -11.26
CA TYR C 251 11.58 -6.40 -11.64
C TYR C 251 12.95 -5.91 -12.03
N TYR C 252 13.10 -5.48 -13.29
CA TYR C 252 14.37 -5.00 -13.82
C TYR C 252 14.22 -3.73 -14.61
N ASP C 253 14.77 -2.64 -14.06
CA ASP C 253 14.75 -1.30 -14.66
C ASP C 253 15.96 -0.50 -14.25
N SER C 254 16.35 0.47 -15.08
CA SER C 254 17.49 1.38 -14.90
C SER C 254 17.32 2.37 -13.77
N SER C 255 16.07 2.78 -13.48
CA SER C 255 15.72 3.83 -12.53
C SER C 255 15.41 3.34 -11.15
N ARG C 256 15.90 4.10 -10.15
CA ARG C 256 15.72 3.86 -8.73
C ARG C 256 14.26 4.07 -8.35
N TRP C 257 13.63 5.08 -8.94
CA TRP C 257 12.24 5.45 -8.67
C TRP C 257 11.23 4.49 -9.25
N THR C 258 11.51 3.95 -10.46
CA THR C 258 10.68 2.96 -11.11
C THR C 258 10.74 1.67 -10.31
N THR C 259 11.92 1.25 -9.88
CA THR C 259 12.06 -0.01 -9.15
C THR C 259 11.33 0.02 -7.82
N LEU C 260 11.31 1.19 -7.17
CA LEU C 260 10.63 1.47 -5.92
C LEU C 260 9.12 1.45 -6.07
N LEU C 261 8.57 2.02 -7.16
CA LEU C 261 7.12 2.19 -7.37
C LEU C 261 6.40 1.08 -8.15
N ILE C 262 7.15 0.26 -8.90
CA ILE C 262 6.56 -0.78 -9.77
C ILE C 262 5.82 -1.88 -8.98
N ARG C 263 6.25 -2.16 -7.78
CA ARG C 263 5.61 -3.17 -6.93
C ARG C 263 4.26 -2.67 -6.42
N ASN C 264 3.26 -3.56 -6.42
CA ASN C 264 1.93 -3.32 -5.86
C ASN C 264 1.92 -4.15 -4.57
N PRO C 265 2.09 -3.50 -3.41
CA PRO C 265 2.16 -4.29 -2.17
C PRO C 265 0.79 -4.77 -1.69
N CYS C 266 -0.24 -3.97 -1.99
CA CYS C 266 -1.64 -4.23 -1.65
C CYS C 266 -2.29 -5.39 -2.42
N ARG C 267 -1.81 -5.73 -3.63
CA ARG C 267 -2.38 -6.84 -4.43
C ARG C 267 -2.19 -8.21 -3.77
N LYS C 268 -0.97 -8.52 -3.36
CA LYS C 268 -0.71 -9.81 -2.70
C LYS C 268 -1.42 -9.89 -1.32
N ILE C 269 -1.61 -8.73 -0.63
CA ILE C 269 -2.33 -8.66 0.65
C ILE C 269 -3.79 -9.02 0.41
N LEU C 270 -4.41 -8.36 -0.59
CA LEU C 270 -5.78 -8.62 -0.99
C LEU C 270 -6.02 -10.10 -1.37
N GLU C 271 -5.22 -10.66 -2.29
CA GLU C 271 -5.27 -12.09 -2.71
C GLU C 271 -5.26 -13.05 -1.48
N GLU C 272 -4.35 -12.78 -0.50
CA GLU C 272 -4.22 -13.56 0.74
C GLU C 272 -5.45 -13.48 1.65
N LEU C 273 -6.08 -12.31 1.73
CA LEU C 273 -7.31 -12.12 2.52
C LEU C 273 -8.48 -12.88 1.87
N TYR C 274 -8.37 -13.19 0.55
CA TYR C 274 -9.39 -13.95 -0.21
C TYR C 274 -9.17 -15.46 -0.21
N SER C 275 -7.98 -15.92 0.19
CA SER C 275 -7.56 -17.33 0.25
C SER C 275 -8.41 -18.20 1.19
N THR C 276 -9.01 -17.59 2.24
CA THR C 276 -9.85 -18.29 3.23
C THR C 276 -11.32 -18.36 2.77
N SER C 277 -11.61 -17.77 1.61
CA SER C 277 -12.95 -17.68 1.06
C SER C 277 -13.37 -18.83 0.11
N TYR C 278 -12.59 -19.92 -0.01
CA TYR C 278 -12.93 -21.03 -0.92
C TYR C 278 -13.39 -22.28 -0.21
N GLU D 19 -17.35 15.53 -10.03
CA GLU D 19 -17.78 15.97 -8.71
C GLU D 19 -18.96 15.13 -8.16
N GLU D 20 -20.21 15.69 -8.15
CA GLU D 20 -21.43 15.06 -7.63
C GLU D 20 -22.42 14.73 -8.75
N PHE D 21 -22.82 13.45 -8.83
CA PHE D 21 -23.73 12.90 -9.84
C PHE D 21 -25.18 13.30 -9.63
N ARG D 22 -25.90 13.52 -10.74
CA ARG D 22 -27.34 13.79 -10.76
C ARG D 22 -27.97 12.92 -11.88
N PRO D 23 -29.16 12.30 -11.68
CA PRO D 23 -29.76 11.46 -12.75
C PRO D 23 -30.06 12.19 -14.06
N GLU D 24 -30.14 13.54 -14.00
CA GLU D 24 -30.42 14.43 -15.13
C GLU D 24 -29.25 14.50 -16.11
N MET D 25 -28.04 14.02 -15.69
CA MET D 25 -26.85 13.99 -16.53
C MET D 25 -27.05 12.97 -17.68
N LEU D 26 -27.96 12.00 -17.50
CA LEU D 26 -28.26 10.98 -18.51
C LEU D 26 -29.54 11.27 -19.30
N GLN D 27 -30.29 12.33 -18.93
CA GLN D 27 -31.52 12.73 -19.60
C GLN D 27 -31.25 13.11 -21.05
N GLY D 28 -31.84 12.37 -21.98
CA GLY D 28 -31.70 12.58 -23.41
C GLY D 28 -30.40 12.09 -24.03
N LYS D 29 -29.55 11.42 -23.22
CA LYS D 29 -28.26 10.90 -23.69
C LYS D 29 -28.46 9.66 -24.52
N LYS D 30 -27.62 9.47 -25.54
CA LYS D 30 -27.67 8.33 -26.45
C LYS D 30 -26.67 7.27 -25.97
N VAL D 31 -27.21 6.20 -25.36
CA VAL D 31 -26.42 5.15 -24.72
C VAL D 31 -26.61 3.77 -25.32
N ILE D 32 -25.48 3.07 -25.55
CA ILE D 32 -25.39 1.66 -25.97
C ILE D 32 -25.04 0.87 -24.71
N VAL D 33 -25.73 -0.28 -24.51
CA VAL D 33 -25.48 -1.21 -23.42
C VAL D 33 -25.37 -2.59 -24.02
N THR D 34 -24.19 -3.21 -23.91
CA THR D 34 -23.97 -4.56 -24.42
C THR D 34 -24.23 -5.51 -23.23
N GLY D 35 -24.56 -6.77 -23.51
CA GLY D 35 -24.87 -7.75 -22.48
C GLY D 35 -25.99 -7.28 -21.57
N ALA D 36 -27.02 -6.68 -22.17
CA ALA D 36 -28.14 -6.04 -21.47
C ALA D 36 -29.46 -6.82 -21.46
N SER D 37 -29.43 -8.14 -21.74
CA SER D 37 -30.64 -9.00 -21.68
C SER D 37 -30.84 -9.51 -20.25
N LYS D 38 -29.75 -9.55 -19.45
CA LYS D 38 -29.78 -10.01 -18.06
C LYS D 38 -28.66 -9.38 -17.22
N GLY D 39 -28.67 -9.68 -15.92
CA GLY D 39 -27.67 -9.25 -14.95
C GLY D 39 -27.47 -7.75 -14.82
N ILE D 40 -26.21 -7.34 -14.66
CA ILE D 40 -25.80 -5.95 -14.49
C ILE D 40 -26.22 -5.10 -15.71
N GLY D 41 -26.04 -5.63 -16.92
CA GLY D 41 -26.38 -4.98 -18.17
C GLY D 41 -27.83 -4.55 -18.26
N ARG D 42 -28.76 -5.46 -17.85
CA ARG D 42 -30.21 -5.20 -17.80
C ARG D 42 -30.51 -4.11 -16.78
N GLU D 43 -29.85 -4.16 -15.60
CA GLU D 43 -30.02 -3.18 -14.53
C GLU D 43 -29.59 -1.78 -14.98
N MET D 44 -28.51 -1.70 -15.79
CA MET D 44 -28.03 -0.43 -16.34
C MET D 44 -29.05 0.16 -17.32
N ALA D 45 -29.63 -0.69 -18.20
CA ALA D 45 -30.67 -0.29 -19.17
C ALA D 45 -31.87 0.32 -18.44
N TYR D 46 -32.32 -0.34 -17.34
CA TYR D 46 -33.43 0.05 -16.46
C TYR D 46 -33.14 1.38 -15.78
N HIS D 47 -31.92 1.56 -15.26
CA HIS D 47 -31.52 2.83 -14.64
C HIS D 47 -31.51 3.97 -15.65
N LEU D 48 -30.97 3.73 -16.84
CA LEU D 48 -30.89 4.70 -17.92
C LEU D 48 -32.27 5.13 -18.41
N ALA D 49 -33.21 4.17 -18.49
CA ALA D 49 -34.62 4.34 -18.86
C ALA D 49 -35.30 5.32 -17.87
N LYS D 50 -35.16 5.07 -16.55
CA LYS D 50 -35.66 5.91 -15.47
C LYS D 50 -35.09 7.34 -15.53
N MET D 51 -33.86 7.49 -16.03
CA MET D 51 -33.17 8.79 -16.18
C MET D 51 -33.58 9.53 -17.46
N GLY D 52 -34.40 8.89 -18.30
CA GLY D 52 -34.90 9.47 -19.55
C GLY D 52 -33.89 9.51 -20.67
N ALA D 53 -33.02 8.49 -20.76
CA ALA D 53 -32.02 8.41 -21.82
C ALA D 53 -32.58 7.64 -23.00
N HIS D 54 -31.91 7.71 -24.16
CA HIS D 54 -32.19 6.93 -25.35
C HIS D 54 -31.28 5.70 -25.19
N VAL D 55 -31.85 4.49 -25.35
CA VAL D 55 -31.06 3.26 -25.16
C VAL D 55 -31.18 2.30 -26.34
N VAL D 56 -30.06 1.67 -26.67
CA VAL D 56 -29.97 0.58 -27.63
C VAL D 56 -29.23 -0.49 -26.85
N VAL D 57 -29.94 -1.58 -26.59
CA VAL D 57 -29.43 -2.73 -25.84
C VAL D 57 -29.12 -3.87 -26.80
N THR D 58 -28.11 -4.69 -26.44
CA THR D 58 -27.72 -5.84 -27.25
C THR D 58 -27.35 -7.03 -26.36
N ALA D 59 -27.47 -8.24 -26.96
CA ALA D 59 -27.21 -9.61 -26.49
C ALA D 59 -27.68 -10.52 -27.65
N ARG D 60 -27.58 -11.84 -27.52
CA ARG D 60 -27.97 -12.76 -28.60
C ARG D 60 -29.47 -13.08 -28.59
N SER D 61 -30.09 -13.07 -27.40
CA SER D 61 -31.50 -13.39 -27.19
C SER D 61 -32.47 -12.25 -27.51
N LYS D 62 -33.06 -12.29 -28.74
CA LYS D 62 -34.04 -11.35 -29.27
C LYS D 62 -35.26 -11.23 -28.32
N GLU D 63 -35.74 -12.40 -27.83
CA GLU D 63 -36.90 -12.51 -26.93
C GLU D 63 -36.69 -11.81 -25.59
N THR D 64 -35.50 -12.00 -24.97
CA THR D 64 -35.18 -11.37 -23.69
C THR D 64 -34.92 -9.87 -23.87
N LEU D 65 -34.31 -9.47 -25.00
CA LEU D 65 -34.06 -8.05 -25.33
C LEU D 65 -35.37 -7.30 -25.55
N GLN D 66 -36.40 -7.98 -26.14
CA GLN D 66 -37.74 -7.42 -26.37
C GLN D 66 -38.40 -7.01 -25.04
N LYS D 67 -38.31 -7.87 -24.00
CA LYS D 67 -38.86 -7.59 -22.66
C LYS D 67 -38.13 -6.46 -21.96
N VAL D 68 -36.80 -6.38 -22.13
CA VAL D 68 -35.99 -5.30 -21.54
C VAL D 68 -36.41 -3.97 -22.17
N VAL D 69 -36.50 -3.92 -23.52
CA VAL D 69 -36.93 -2.73 -24.26
C VAL D 69 -38.32 -2.26 -23.80
N SER D 70 -39.29 -3.21 -23.77
CA SER D 70 -40.67 -2.95 -23.29
C SER D 70 -40.69 -2.36 -21.88
N HIS D 71 -39.91 -2.94 -20.95
CA HIS D 71 -39.82 -2.42 -19.59
C HIS D 71 -39.10 -1.07 -19.52
N CYS D 72 -38.13 -0.81 -20.43
CA CYS D 72 -37.39 0.47 -20.51
C CYS D 72 -38.35 1.60 -20.89
N LEU D 73 -39.25 1.33 -21.84
CA LEU D 73 -40.25 2.30 -22.28
C LEU D 73 -41.23 2.61 -21.16
N GLU D 74 -41.64 1.60 -20.36
CA GLU D 74 -42.52 1.72 -19.19
C GLU D 74 -41.87 2.61 -18.12
N LEU D 75 -40.54 2.44 -17.91
CA LEU D 75 -39.75 3.19 -16.94
C LEU D 75 -39.51 4.66 -17.33
N GLY D 76 -39.71 5.00 -18.60
CA GLY D 76 -39.57 6.37 -19.07
C GLY D 76 -38.38 6.71 -19.95
N ALA D 77 -37.88 5.72 -20.73
CA ALA D 77 -36.77 5.94 -21.66
C ALA D 77 -37.26 6.84 -22.77
N ALA D 78 -36.41 7.76 -23.25
CA ALA D 78 -36.75 8.69 -24.35
C ALA D 78 -37.03 7.87 -25.63
N SER D 79 -36.30 6.76 -25.77
CA SER D 79 -36.45 5.76 -26.83
C SER D 79 -35.74 4.49 -26.37
N ALA D 80 -36.15 3.34 -26.88
CA ALA D 80 -35.56 2.07 -26.52
C ALA D 80 -35.66 1.13 -27.68
N HIS D 81 -34.49 0.61 -28.10
CA HIS D 81 -34.34 -0.35 -29.19
C HIS D 81 -33.43 -1.49 -28.77
N TYR D 82 -33.47 -2.60 -29.55
CA TYR D 82 -32.60 -3.74 -29.37
C TYR D 82 -32.12 -4.20 -30.73
N ILE D 83 -30.90 -4.76 -30.77
CA ILE D 83 -30.30 -5.36 -31.95
C ILE D 83 -29.68 -6.65 -31.42
N ALA D 84 -30.24 -7.80 -31.80
CA ALA D 84 -29.76 -9.10 -31.34
C ALA D 84 -28.62 -9.65 -32.24
N GLY D 85 -27.63 -10.26 -31.59
CA GLY D 85 -26.50 -10.87 -32.27
C GLY D 85 -25.39 -11.29 -31.36
N THR D 86 -24.41 -12.02 -31.92
CA THR D 86 -23.29 -12.50 -31.13
C THR D 86 -22.05 -11.63 -31.33
N MET D 87 -21.38 -11.36 -30.22
CA MET D 87 -20.16 -10.57 -30.18
C MET D 87 -18.90 -11.41 -30.51
N GLU D 88 -19.12 -12.69 -30.93
CA GLU D 88 -18.11 -13.61 -31.45
C GLU D 88 -17.82 -13.19 -32.92
N ASP D 89 -18.83 -12.56 -33.56
CA ASP D 89 -18.82 -12.04 -34.91
C ASP D 89 -18.40 -10.56 -34.89
N MET D 90 -17.17 -10.29 -35.35
CA MET D 90 -16.59 -8.93 -35.40
C MET D 90 -17.31 -8.02 -36.43
N THR D 91 -17.94 -8.63 -37.45
CA THR D 91 -18.74 -7.90 -38.45
C THR D 91 -20.03 -7.42 -37.80
N PHE D 92 -20.65 -8.27 -36.96
CA PHE D 92 -21.84 -7.88 -36.23
C PHE D 92 -21.53 -6.70 -35.30
N ALA D 93 -20.44 -6.78 -34.50
CA ALA D 93 -20.07 -5.72 -33.54
C ALA D 93 -19.94 -4.35 -34.21
N GLU D 94 -19.25 -4.31 -35.37
CA GLU D 94 -19.02 -3.11 -36.17
C GLU D 94 -20.33 -2.55 -36.73
N GLN D 95 -21.13 -3.40 -37.39
CA GLN D 95 -22.43 -3.03 -37.98
C GLN D 95 -23.44 -2.62 -36.93
N PHE D 96 -23.39 -3.23 -35.72
CA PHE D 96 -24.29 -2.91 -34.59
C PHE D 96 -24.19 -1.44 -34.15
N VAL D 97 -22.95 -0.95 -33.96
CA VAL D 97 -22.65 0.44 -33.57
C VAL D 97 -23.16 1.46 -34.62
N ALA D 98 -23.05 1.14 -35.91
CA ALA D 98 -23.52 2.02 -36.98
C ALA D 98 -25.07 2.12 -36.93
N GLN D 99 -25.74 0.94 -36.77
CA GLN D 99 -27.20 0.84 -36.66
C GLN D 99 -27.76 1.47 -35.39
N ALA D 100 -27.08 1.28 -34.25
CA ALA D 100 -27.49 1.89 -32.99
C ALA D 100 -27.35 3.42 -33.07
N GLY D 101 -26.28 3.89 -33.73
CA GLY D 101 -26.03 5.31 -33.93
C GLY D 101 -27.06 5.96 -34.83
N LYS D 102 -27.52 5.24 -35.86
CA LYS D 102 -28.54 5.67 -36.82
C LYS D 102 -29.92 5.76 -36.13
N LEU D 103 -30.24 4.78 -35.26
CA LEU D 103 -31.49 4.74 -34.49
C LEU D 103 -31.63 5.92 -33.53
N MET D 104 -30.52 6.34 -32.92
CA MET D 104 -30.53 7.42 -31.94
C MET D 104 -30.12 8.78 -32.50
N GLY D 105 -29.49 8.79 -33.68
CA GLY D 105 -28.99 10.01 -34.28
C GLY D 105 -27.72 10.47 -33.57
N GLY D 106 -26.85 9.51 -33.27
CA GLY D 106 -25.60 9.76 -32.56
C GLY D 106 -25.36 8.84 -31.39
N LEU D 107 -24.30 9.14 -30.62
CA LEU D 107 -23.91 8.33 -29.47
C LEU D 107 -23.13 9.18 -28.49
N ASP D 108 -23.53 9.11 -27.21
CA ASP D 108 -22.89 9.84 -26.12
C ASP D 108 -22.11 8.89 -25.19
N MET D 109 -22.66 7.68 -24.94
CA MET D 109 -22.02 6.72 -24.05
C MET D 109 -22.06 5.29 -24.62
N LEU D 110 -20.90 4.62 -24.60
CA LEU D 110 -20.74 3.24 -25.04
C LEU D 110 -20.46 2.38 -23.81
N ILE D 111 -21.42 1.54 -23.41
CA ILE D 111 -21.23 0.68 -22.24
C ILE D 111 -20.92 -0.76 -22.68
N LEU D 112 -19.66 -1.18 -22.48
CA LEU D 112 -19.13 -2.50 -22.87
C LEU D 112 -19.15 -3.40 -21.65
N ASN D 113 -20.11 -4.35 -21.65
CA ASN D 113 -20.45 -5.16 -20.50
C ASN D 113 -20.53 -6.68 -20.77
N HIS D 114 -20.88 -7.10 -22.00
CA HIS D 114 -21.00 -8.52 -22.36
C HIS D 114 -19.68 -9.32 -22.14
N ILE D 115 -19.82 -10.62 -21.87
CA ILE D 115 -18.74 -11.59 -21.70
C ILE D 115 -19.21 -12.90 -22.29
N THR D 116 -18.28 -13.77 -22.68
CA THR D 116 -18.64 -15.12 -23.14
C THR D 116 -18.99 -15.94 -21.87
N ASN D 117 -19.83 -16.98 -22.02
CA ASN D 117 -20.24 -17.88 -20.93
C ASN D 117 -19.01 -18.60 -20.34
N THR D 118 -18.86 -18.51 -19.02
CA THR D 118 -17.72 -19.12 -18.32
C THR D 118 -18.17 -19.75 -17.01
N SER D 119 -17.26 -20.49 -16.37
CA SER D 119 -17.52 -21.09 -15.06
C SER D 119 -16.23 -21.11 -14.27
N LEU D 120 -16.30 -21.37 -12.96
CA LEU D 120 -15.12 -21.50 -12.12
C LEU D 120 -14.60 -22.93 -12.32
N ASN D 121 -13.43 -23.05 -12.96
CA ASN D 121 -12.77 -24.32 -13.23
C ASN D 121 -11.28 -24.14 -13.33
N LEU D 122 -10.51 -25.17 -12.97
CA LEU D 122 -9.07 -25.20 -13.07
C LEU D 122 -8.72 -25.25 -14.55
N PHE D 123 -7.63 -24.60 -14.95
CA PHE D 123 -7.25 -24.64 -16.34
C PHE D 123 -6.40 -25.88 -16.61
N HIS D 124 -6.75 -26.61 -17.68
CA HIS D 124 -6.02 -27.80 -18.08
C HIS D 124 -5.49 -27.66 -19.51
N ASP D 125 -6.38 -27.68 -20.51
CA ASP D 125 -5.99 -27.62 -21.91
C ASP D 125 -7.03 -26.97 -22.84
N ASP D 126 -8.01 -26.25 -22.27
CA ASP D 126 -9.06 -25.63 -23.07
C ASP D 126 -8.63 -24.28 -23.68
N ILE D 127 -7.83 -24.37 -24.76
CA ILE D 127 -7.32 -23.23 -25.52
C ILE D 127 -8.45 -22.53 -26.27
N HIS D 128 -9.51 -23.29 -26.66
CA HIS D 128 -10.68 -22.75 -27.35
C HIS D 128 -11.41 -21.77 -26.46
N HIS D 129 -11.53 -22.09 -25.16
CA HIS D 129 -12.15 -21.19 -24.18
C HIS D 129 -11.25 -19.98 -23.91
N VAL D 130 -9.90 -20.13 -23.94
CA VAL D 130 -8.97 -19.00 -23.78
C VAL D 130 -9.09 -18.04 -24.98
N ARG D 131 -9.15 -18.58 -26.22
CA ARG D 131 -9.29 -17.79 -27.46
C ARG D 131 -10.64 -17.09 -27.50
N LYS D 132 -11.76 -17.82 -27.24
CA LYS D 132 -13.12 -17.27 -27.25
C LYS D 132 -13.27 -16.18 -26.19
N SER D 133 -12.67 -16.37 -25.00
CA SER D 133 -12.66 -15.35 -23.94
C SER D 133 -11.94 -14.08 -24.41
N MET D 134 -10.78 -14.21 -25.05
CA MET D 134 -10.07 -13.04 -25.58
C MET D 134 -10.86 -12.37 -26.69
N GLU D 135 -11.47 -13.15 -27.60
CA GLU D 135 -12.26 -12.63 -28.72
C GLU D 135 -13.51 -11.88 -28.25
N VAL D 136 -14.33 -12.53 -27.40
CA VAL D 136 -15.60 -11.94 -26.92
C VAL D 136 -15.38 -10.90 -25.84
N ASN D 137 -14.61 -11.21 -24.79
CA ASN D 137 -14.46 -10.24 -23.70
C ASN D 137 -13.49 -9.11 -23.96
N PHE D 138 -12.62 -9.25 -24.97
CA PHE D 138 -11.63 -8.22 -25.21
C PHE D 138 -11.65 -7.67 -26.65
N LEU D 139 -11.41 -8.51 -27.66
CA LEU D 139 -11.32 -8.05 -29.04
C LEU D 139 -12.59 -7.38 -29.56
N SER D 140 -13.78 -7.88 -29.19
CA SER D 140 -15.04 -7.24 -29.61
C SER D 140 -15.17 -5.84 -29.00
N TYR D 141 -14.64 -5.64 -27.76
CA TYR D 141 -14.66 -4.34 -27.06
C TYR D 141 -13.83 -3.33 -27.85
N VAL D 142 -12.70 -3.79 -28.43
CA VAL D 142 -11.82 -2.97 -29.26
C VAL D 142 -12.55 -2.63 -30.59
N VAL D 143 -13.22 -3.63 -31.19
CA VAL D 143 -14.01 -3.47 -32.44
C VAL D 143 -15.15 -2.45 -32.25
N LEU D 144 -15.87 -2.56 -31.13
CA LEU D 144 -16.97 -1.66 -30.77
C LEU D 144 -16.46 -0.22 -30.56
N THR D 145 -15.28 -0.06 -29.93
CA THR D 145 -14.62 1.23 -29.69
C THR D 145 -14.24 1.89 -31.02
N VAL D 146 -13.59 1.13 -31.94
CA VAL D 146 -13.19 1.65 -33.26
C VAL D 146 -14.41 2.16 -34.04
N ALA D 147 -15.48 1.35 -34.07
CA ALA D 147 -16.74 1.68 -34.75
C ALA D 147 -17.44 2.91 -34.12
N ALA D 148 -17.38 3.03 -32.78
CA ALA D 148 -18.04 4.10 -32.02
C ALA D 148 -17.28 5.42 -31.89
N LEU D 149 -15.93 5.42 -31.99
CA LEU D 149 -15.08 6.59 -31.78
C LEU D 149 -15.47 7.85 -32.61
N PRO D 150 -15.73 7.80 -33.94
CA PRO D 150 -16.15 9.02 -34.67
C PRO D 150 -17.38 9.74 -34.09
N MET D 151 -18.44 8.98 -33.71
CA MET D 151 -19.65 9.54 -33.06
C MET D 151 -19.34 10.05 -31.66
N LEU D 152 -18.54 9.29 -30.87
CA LEU D 152 -18.13 9.71 -29.52
C LEU D 152 -17.26 10.98 -29.53
N LYS D 153 -16.42 11.16 -30.56
CA LYS D 153 -15.58 12.37 -30.74
C LYS D 153 -16.49 13.57 -31.05
N GLN D 154 -17.58 13.35 -31.79
CA GLN D 154 -18.57 14.36 -32.15
C GLN D 154 -19.32 14.89 -30.93
N SER D 155 -19.64 14.01 -29.97
CA SER D 155 -20.39 14.33 -28.76
C SER D 155 -19.54 14.57 -27.52
N ASN D 156 -18.20 14.35 -27.61
CA ASN D 156 -17.26 14.42 -26.49
C ASN D 156 -17.73 13.40 -25.45
N GLY D 157 -18.08 12.22 -25.98
CA GLY D 157 -18.67 11.09 -25.29
C GLY D 157 -17.80 10.32 -24.32
N SER D 158 -18.32 9.16 -23.92
CA SER D 158 -17.71 8.30 -22.91
C SER D 158 -17.73 6.82 -23.27
N ILE D 159 -16.64 6.11 -22.93
CA ILE D 159 -16.53 4.66 -23.08
C ILE D 159 -16.49 4.12 -21.67
N VAL D 160 -17.38 3.14 -21.38
CA VAL D 160 -17.49 2.49 -20.08
C VAL D 160 -17.15 1.01 -20.29
N VAL D 161 -16.09 0.55 -19.61
CA VAL D 161 -15.57 -0.81 -19.72
C VAL D 161 -15.80 -1.53 -18.42
N VAL D 162 -16.66 -2.56 -18.48
CA VAL D 162 -16.97 -3.37 -17.31
C VAL D 162 -15.92 -4.47 -17.13
N SER D 163 -15.23 -4.41 -16.00
CA SER D 163 -14.19 -5.36 -15.62
C SER D 163 -14.53 -6.01 -14.28
N SER D 164 -13.53 -6.58 -13.60
CA SER D 164 -13.70 -7.29 -12.35
C SER D 164 -12.50 -7.07 -11.44
N LEU D 165 -12.61 -7.48 -10.15
CA LEU D 165 -11.47 -7.49 -9.22
C LEU D 165 -10.43 -8.47 -9.82
N ALA D 166 -10.95 -9.52 -10.52
CA ALA D 166 -10.20 -10.55 -11.23
C ALA D 166 -9.47 -9.99 -12.47
N GLY D 167 -9.69 -8.71 -12.77
CA GLY D 167 -9.00 -7.97 -13.81
C GLY D 167 -7.99 -7.00 -13.24
N LYS D 168 -7.69 -7.14 -11.91
CA LYS D 168 -6.73 -6.29 -11.16
C LYS D 168 -5.85 -7.13 -10.24
N VAL D 169 -6.41 -8.20 -9.65
CA VAL D 169 -5.68 -9.11 -8.76
C VAL D 169 -5.93 -10.54 -9.27
N ALA D 170 -5.14 -11.51 -8.81
CA ALA D 170 -5.25 -12.89 -9.26
C ALA D 170 -6.18 -13.74 -8.41
N TYR D 171 -6.88 -14.63 -9.10
CA TYR D 171 -7.84 -15.56 -8.53
C TYR D 171 -7.64 -16.87 -9.22
N PRO D 172 -7.77 -18.02 -8.51
CA PRO D 172 -7.72 -19.31 -9.23
C PRO D 172 -9.08 -19.53 -9.90
N MET D 173 -9.16 -20.52 -10.82
CA MET D 173 -10.41 -20.97 -11.48
C MET D 173 -11.01 -20.01 -12.54
N VAL D 174 -10.34 -18.88 -12.83
CA VAL D 174 -10.76 -17.88 -13.83
C VAL D 174 -9.58 -17.40 -14.69
N ALA D 175 -8.68 -18.31 -15.10
CA ALA D 175 -7.49 -17.94 -15.87
C ALA D 175 -7.77 -17.26 -17.20
N ALA D 176 -8.62 -17.86 -18.08
CA ALA D 176 -9.00 -17.28 -19.37
C ALA D 176 -9.76 -15.97 -19.18
N TYR D 177 -10.63 -15.93 -18.15
CA TYR D 177 -11.44 -14.76 -17.82
C TYR D 177 -10.58 -13.58 -17.33
N SER D 178 -9.67 -13.83 -16.36
CA SER D 178 -8.76 -12.82 -15.80
C SER D 178 -7.89 -12.25 -16.88
N ALA D 179 -7.31 -13.14 -17.73
CA ALA D 179 -6.49 -12.78 -18.88
C ALA D 179 -7.22 -11.73 -19.73
N SER D 180 -8.48 -12.01 -20.12
CA SER D 180 -9.29 -11.04 -20.89
C SER D 180 -9.59 -9.71 -20.13
N LYS D 181 -9.83 -9.77 -18.82
CA LYS D 181 -10.12 -8.57 -18.01
C LYS D 181 -8.88 -7.71 -17.75
N PHE D 182 -7.72 -8.38 -17.55
CA PHE D 182 -6.40 -7.73 -17.40
C PHE D 182 -6.07 -7.04 -18.72
N ALA D 183 -6.29 -7.71 -19.87
CA ALA D 183 -6.08 -7.18 -21.24
C ALA D 183 -6.88 -5.87 -21.50
N LEU D 184 -8.10 -5.77 -20.97
CA LEU D 184 -8.94 -4.58 -21.10
C LEU D 184 -8.26 -3.38 -20.41
N ASP D 185 -7.67 -3.63 -19.24
CA ASP D 185 -6.96 -2.62 -18.46
C ASP D 185 -5.74 -2.13 -19.26
N GLY D 186 -4.92 -3.07 -19.75
CA GLY D 186 -3.76 -2.75 -20.57
C GLY D 186 -4.11 -1.94 -21.78
N PHE D 187 -5.09 -2.41 -22.54
CA PHE D 187 -5.51 -1.74 -23.76
C PHE D 187 -6.13 -0.34 -23.54
N PHE D 188 -7.21 -0.28 -22.76
CA PHE D 188 -7.94 0.97 -22.56
C PHE D 188 -7.18 2.03 -21.72
N SER D 189 -6.25 1.61 -20.82
CA SER D 189 -5.46 2.57 -20.05
C SER D 189 -4.41 3.23 -20.94
N SER D 190 -3.91 2.48 -21.96
CA SER D 190 -2.93 2.96 -22.94
C SER D 190 -3.57 4.00 -23.87
N ILE D 191 -4.75 3.69 -24.44
CA ILE D 191 -5.45 4.61 -25.34
C ILE D 191 -5.95 5.85 -24.59
N ARG D 192 -6.24 5.75 -23.27
CA ARG D 192 -6.64 6.90 -22.45
C ARG D 192 -5.50 7.94 -22.43
N LYS D 193 -4.24 7.48 -22.24
CA LYS D 193 -3.04 8.31 -22.27
C LYS D 193 -2.83 8.93 -23.65
N GLU D 194 -3.09 8.15 -24.72
CA GLU D 194 -3.02 8.59 -26.12
C GLU D 194 -4.06 9.67 -26.41
N TYR D 195 -5.32 9.50 -25.93
CA TYR D 195 -6.40 10.48 -26.13
C TYR D 195 -6.08 11.80 -25.45
N SER D 196 -5.40 11.74 -24.30
CA SER D 196 -4.95 12.88 -23.51
C SER D 196 -3.96 13.75 -24.30
N VAL D 197 -2.91 13.14 -24.89
CA VAL D 197 -1.90 13.86 -25.68
C VAL D 197 -2.45 14.33 -27.04
N SER D 198 -3.35 13.56 -27.67
CA SER D 198 -3.92 13.88 -28.97
C SER D 198 -5.22 14.66 -28.87
N ARG D 199 -5.57 15.09 -27.64
CA ARG D 199 -6.74 15.90 -27.29
C ARG D 199 -8.05 15.37 -27.91
N VAL D 200 -8.32 14.09 -27.68
CA VAL D 200 -9.55 13.38 -28.06
C VAL D 200 -10.32 13.40 -26.73
N ASN D 201 -11.42 14.18 -26.67
CA ASN D 201 -12.20 14.35 -25.45
C ASN D 201 -13.26 13.26 -25.27
N VAL D 202 -12.82 12.00 -25.23
CA VAL D 202 -13.63 10.81 -25.01
C VAL D 202 -13.09 10.17 -23.73
N SER D 203 -13.89 10.17 -22.66
CA SER D 203 -13.47 9.58 -21.39
C SER D 203 -13.57 8.05 -21.44
N ILE D 204 -12.76 7.37 -20.63
CA ILE D 204 -12.68 5.91 -20.51
C ILE D 204 -12.74 5.55 -19.02
N THR D 205 -13.81 4.83 -18.63
CA THR D 205 -14.06 4.37 -17.26
C THR D 205 -13.92 2.86 -17.22
N LEU D 206 -12.93 2.35 -16.45
CA LEU D 206 -12.75 0.92 -16.21
C LEU D 206 -13.43 0.62 -14.88
N CYS D 207 -14.44 -0.26 -14.90
CA CYS D 207 -15.19 -0.59 -13.68
C CYS D 207 -14.72 -1.90 -13.09
N VAL D 208 -14.17 -1.84 -11.88
CA VAL D 208 -13.60 -2.97 -11.15
C VAL D 208 -14.62 -3.44 -10.15
N LEU D 209 -15.32 -4.52 -10.49
CA LEU D 209 -16.40 -5.05 -9.66
C LEU D 209 -16.03 -6.31 -8.92
N GLY D 210 -16.54 -6.42 -7.71
CA GLY D 210 -16.43 -7.63 -6.90
C GLY D 210 -17.60 -8.53 -7.24
N LEU D 211 -17.85 -9.53 -6.38
CA LEU D 211 -18.99 -10.43 -6.53
C LEU D 211 -20.32 -9.67 -6.45
N ILE D 212 -21.18 -9.88 -7.45
CA ILE D 212 -22.49 -9.26 -7.62
C ILE D 212 -23.54 -10.37 -7.64
N ASP D 213 -24.72 -10.12 -7.03
CA ASP D 213 -25.79 -11.12 -6.88
C ASP D 213 -26.57 -11.43 -8.19
N THR D 214 -25.88 -11.52 -9.36
CA THR D 214 -26.56 -11.88 -10.59
C THR D 214 -26.77 -13.40 -10.57
N GLU D 215 -27.79 -13.90 -11.27
CA GLU D 215 -28.09 -15.34 -11.39
C GLU D 215 -26.87 -16.15 -11.84
N THR D 216 -26.14 -15.65 -12.87
CA THR D 216 -24.90 -16.22 -13.41
C THR D 216 -23.82 -16.39 -12.32
N ALA D 217 -23.49 -15.32 -11.61
CA ALA D 217 -22.47 -15.32 -10.57
C ALA D 217 -22.84 -16.15 -9.35
N MET D 218 -24.12 -16.13 -8.95
CA MET D 218 -24.62 -16.90 -7.81
C MET D 218 -24.56 -18.39 -8.08
N LYS D 219 -24.85 -18.79 -9.32
CA LYS D 219 -24.76 -20.18 -9.79
C LYS D 219 -23.29 -20.61 -9.88
N ALA D 220 -22.43 -19.73 -10.42
CA ALA D 220 -21.00 -20.00 -10.62
C ALA D 220 -20.21 -20.23 -9.32
N VAL D 221 -20.51 -19.47 -8.26
CA VAL D 221 -19.76 -19.55 -7.00
C VAL D 221 -20.33 -20.57 -6.00
N SER D 222 -21.58 -21.02 -6.20
CA SER D 222 -22.28 -21.98 -5.34
C SER D 222 -21.45 -23.27 -5.01
N GLY D 223 -21.14 -23.42 -3.71
CA GLY D 223 -20.36 -24.55 -3.19
C GLY D 223 -18.86 -24.50 -3.44
N ILE D 224 -18.38 -23.47 -4.14
CA ILE D 224 -16.98 -23.28 -4.49
C ILE D 224 -16.39 -22.11 -3.72
N VAL D 225 -17.00 -20.96 -3.86
CA VAL D 225 -16.55 -19.73 -3.25
C VAL D 225 -17.58 -19.28 -2.23
N HIS D 226 -17.09 -18.86 -1.07
CA HIS D 226 -17.92 -18.39 0.02
C HIS D 226 -17.56 -16.93 0.27
N MET D 227 -18.20 -16.04 -0.51
CA MET D 227 -17.98 -14.60 -0.47
C MET D 227 -19.30 -13.89 -0.47
N GLN D 228 -19.34 -12.69 0.14
CA GLN D 228 -20.53 -11.83 0.20
C GLN D 228 -20.72 -11.16 -1.17
N ALA D 229 -21.95 -11.20 -1.70
CA ALA D 229 -22.33 -10.60 -2.97
C ALA D 229 -23.01 -9.26 -2.79
N ALA D 230 -22.66 -8.28 -3.64
CA ALA D 230 -23.23 -6.93 -3.64
C ALA D 230 -24.47 -6.87 -4.54
N PRO D 231 -25.44 -5.93 -4.31
CA PRO D 231 -26.64 -5.92 -5.16
C PRO D 231 -26.41 -5.36 -6.56
N LYS D 232 -26.95 -6.07 -7.57
CA LYS D 232 -26.83 -5.75 -8.99
C LYS D 232 -27.41 -4.39 -9.40
N GLU D 233 -28.49 -3.95 -8.71
CA GLU D 233 -29.17 -2.69 -8.98
C GLU D 233 -28.23 -1.53 -8.67
N GLU D 234 -27.62 -1.56 -7.45
CA GLU D 234 -26.67 -0.53 -6.99
C GLU D 234 -25.37 -0.57 -7.81
N CYS D 235 -24.92 -1.78 -8.19
CA CYS D 235 -23.73 -1.98 -9.01
C CYS D 235 -23.88 -1.25 -10.35
N ALA D 236 -25.00 -1.50 -11.04
CA ALA D 236 -25.38 -0.90 -12.31
C ALA D 236 -25.37 0.63 -12.26
N LEU D 237 -25.86 1.21 -11.14
CA LEU D 237 -25.93 2.66 -10.94
C LEU D 237 -24.54 3.27 -10.74
N GLU D 238 -23.67 2.58 -9.99
CA GLU D 238 -22.30 3.01 -9.74
C GLU D 238 -21.47 3.06 -11.02
N ILE D 239 -21.72 2.13 -11.96
CA ILE D 239 -21.07 2.05 -13.27
C ILE D 239 -21.45 3.32 -14.09
N ILE D 240 -22.77 3.58 -14.21
CA ILE D 240 -23.36 4.75 -14.90
C ILE D 240 -22.83 6.05 -14.28
N LYS D 241 -22.78 6.15 -12.93
CA LYS D 241 -22.26 7.33 -12.21
C LYS D 241 -20.83 7.65 -12.64
N GLY D 242 -19.97 6.63 -12.62
CA GLY D 242 -18.57 6.75 -13.02
C GLY D 242 -18.39 7.23 -14.45
N GLY D 243 -19.22 6.71 -15.36
CA GLY D 243 -19.24 7.09 -16.77
C GLY D 243 -19.63 8.54 -16.94
N ALA D 244 -20.77 8.94 -16.32
CA ALA D 244 -21.30 10.31 -16.32
C ALA D 244 -20.28 11.31 -15.78
N LEU D 245 -19.58 10.95 -14.69
CA LEU D 245 -18.58 11.79 -14.03
C LEU D 245 -17.21 11.76 -14.70
N ARG D 246 -17.08 10.93 -15.75
CA ARG D 246 -15.86 10.75 -16.56
C ARG D 246 -14.69 10.27 -15.69
N GLN D 247 -15.02 9.48 -14.62
CA GLN D 247 -14.03 8.91 -13.71
C GLN D 247 -13.23 7.88 -14.49
N GLU D 248 -11.93 7.80 -14.26
CA GLU D 248 -11.07 6.87 -14.96
C GLU D 248 -11.34 5.44 -14.52
N GLU D 249 -11.66 5.27 -13.23
CA GLU D 249 -11.92 3.99 -12.62
C GLU D 249 -13.04 4.03 -11.59
N VAL D 250 -13.81 2.95 -11.50
CA VAL D 250 -14.85 2.73 -10.53
C VAL D 250 -14.48 1.44 -9.82
N TYR D 251 -14.57 1.43 -8.50
CA TYR D 251 -14.31 0.30 -7.65
C TYR D 251 -15.59 0.01 -6.88
N TYR D 252 -16.15 -1.19 -7.07
CA TYR D 252 -17.39 -1.58 -6.41
C TYR D 252 -17.35 -2.98 -5.85
N ASP D 253 -17.41 -3.07 -4.52
CA ASP D 253 -17.39 -4.35 -3.77
C ASP D 253 -18.17 -4.26 -2.45
N SER D 254 -18.71 -5.40 -1.96
CA SER D 254 -19.43 -5.59 -0.68
C SER D 254 -18.61 -5.18 0.52
N SER D 255 -17.29 -5.51 0.47
CA SER D 255 -16.31 -5.26 1.53
C SER D 255 -15.71 -3.85 1.47
N ARG D 256 -15.72 -3.17 2.62
CA ARG D 256 -15.15 -1.84 2.85
C ARG D 256 -13.61 -1.95 2.80
N TRP D 257 -13.09 -3.12 3.21
CA TRP D 257 -11.68 -3.46 3.23
C TRP D 257 -11.15 -3.64 1.79
N THR D 258 -11.89 -4.40 0.94
CA THR D 258 -11.51 -4.64 -0.47
C THR D 258 -11.41 -3.32 -1.23
N THR D 259 -12.42 -2.42 -1.05
CA THR D 259 -12.44 -1.10 -1.70
C THR D 259 -11.27 -0.24 -1.22
N LEU D 260 -10.81 -0.46 0.01
CA LEU D 260 -9.64 0.22 0.57
C LEU D 260 -8.31 -0.28 -0.02
N LEU D 261 -8.18 -1.60 -0.25
CA LEU D 261 -6.94 -2.22 -0.75
C LEU D 261 -6.76 -2.38 -2.25
N ILE D 262 -7.87 -2.40 -3.02
CA ILE D 262 -7.86 -2.62 -4.47
C ILE D 262 -7.11 -1.54 -5.27
N ARG D 263 -7.08 -0.32 -4.75
CA ARG D 263 -6.38 0.79 -5.41
C ARG D 263 -4.86 0.61 -5.31
N ASN D 264 -4.18 1.01 -6.40
CA ASN D 264 -2.73 0.98 -6.55
C ASN D 264 -2.26 2.43 -6.70
N PRO D 265 -1.93 3.09 -5.56
CA PRO D 265 -1.45 4.48 -5.62
C PRO D 265 -0.09 4.62 -6.31
N CYS D 266 0.77 3.59 -6.20
CA CYS D 266 2.11 3.52 -6.82
C CYS D 266 2.05 3.55 -8.35
N ARG D 267 1.03 2.89 -8.95
CA ARG D 267 0.82 2.87 -10.39
C ARG D 267 0.50 4.28 -10.93
N LYS D 268 -0.43 4.98 -10.30
CA LYS D 268 -0.80 6.34 -10.69
C LYS D 268 0.34 7.32 -10.52
N ILE D 269 1.18 7.16 -9.47
CA ILE D 269 2.38 7.97 -9.24
C ILE D 269 3.41 7.67 -10.33
N LEU D 270 3.81 6.40 -10.52
CA LEU D 270 4.75 6.02 -11.57
C LEU D 270 4.38 6.56 -12.98
N GLU D 271 3.09 6.48 -13.36
CA GLU D 271 2.54 6.97 -14.65
C GLU D 271 2.53 8.51 -14.74
N GLU D 272 2.40 9.23 -13.61
CA GLU D 272 2.34 10.70 -13.57
C GLU D 272 3.71 11.36 -13.57
N LEU D 273 4.79 10.57 -13.58
CA LEU D 273 6.15 11.10 -13.72
C LEU D 273 6.82 10.56 -15.02
N TYR D 274 6.05 9.74 -15.82
CA TYR D 274 6.49 9.18 -17.12
C TYR D 274 6.10 10.07 -18.32
N SER D 275 4.85 10.62 -18.33
CA SER D 275 4.32 11.50 -19.41
C SER D 275 5.33 12.57 -19.86
N THR D 276 6.18 12.99 -18.90
CA THR D 276 7.29 13.93 -19.02
C THR D 276 8.56 13.14 -19.51
N SER D 277 8.44 12.45 -20.69
CA SER D 277 9.51 11.66 -21.33
C SER D 277 9.32 11.46 -22.86
N TYR D 278 8.06 11.39 -23.35
CA TYR D 278 7.71 11.13 -24.76
C TYR D 278 7.54 12.37 -25.62
N ASN D 279 7.83 12.20 -26.92
CA ASN D 279 7.72 13.16 -27.99
C ASN D 279 6.79 12.56 -29.04
N MET D 280 5.55 13.03 -29.07
CA MET D 280 4.55 12.55 -30.02
C MET D 280 4.24 13.58 -31.11
N ASP D 281 5.21 14.48 -31.37
CA ASP D 281 5.11 15.52 -32.40
C ASP D 281 5.51 14.94 -33.78
N ARG D 282 4.85 13.82 -34.17
CA ARG D 282 5.03 13.09 -35.42
C ARG D 282 3.85 12.18 -35.73
PA NAP E . 7.39 -8.05 32.25
O1A NAP E . 7.50 -9.50 32.41
O2A NAP E . 6.38 -7.35 33.19
O5B NAP E . 8.75 -7.29 32.61
C5B NAP E . 8.94 -5.86 32.71
C4B NAP E . 10.34 -5.61 33.23
O4B NAP E . 10.54 -4.19 33.43
C3B NAP E . 10.67 -6.29 34.55
O3B NAP E . 11.94 -6.94 34.50
C2B NAP E . 10.65 -5.15 35.56
O2B NAP E . 11.53 -5.37 36.69
C1B NAP E . 11.09 -3.96 34.71
N9A NAP E . 10.65 -2.66 35.20
C8A NAP E . 9.40 -2.30 35.62
N7A NAP E . 9.32 -1.08 36.12
C5A NAP E . 10.61 -0.60 36.00
C6A NAP E . 11.21 0.62 36.38
N6A NAP E . 10.54 1.67 36.85
N1A NAP E . 12.55 0.74 36.20
C2A NAP E . 13.22 -0.26 35.65
N3A NAP E . 12.77 -1.44 35.22
C4A NAP E . 11.45 -1.56 35.44
O3 NAP E . 7.08 -7.56 30.75
PN NAP E . 7.14 -8.33 29.35
O1N NAP E . 8.33 -9.21 29.35
O2N NAP E . 5.80 -8.90 29.10
O5D NAP E . 7.43 -7.15 28.34
C5D NAP E . 8.77 -6.83 27.88
C4D NAP E . 8.66 -5.87 26.73
O4D NAP E . 7.82 -6.46 25.71
C3D NAP E . 8.06 -4.50 27.00
O3D NAP E . 8.84 -3.48 26.38
C2D NAP E . 6.67 -4.61 26.38
O2D NAP E . 6.17 -3.40 25.84
C1D NAP E . 6.95 -5.52 25.16
N1N NAP E . 5.73 -6.24 24.73
C2N NAP E . 5.22 -7.31 25.48
C3N NAP E . 4.07 -7.95 25.09
C7N NAP E . 3.55 -9.14 25.87
O7N NAP E . 2.47 -9.68 25.53
N7N NAP E . 4.27 -9.56 26.92
C4N NAP E . 3.41 -7.52 23.94
C5N NAP E . 3.93 -6.46 23.21
C6N NAP E . 5.08 -5.83 23.62
P2B NAP E . 11.33 -4.76 38.16
O1X NAP E . 12.07 -5.66 39.12
O2X NAP E . 11.97 -3.39 37.96
O3X NAP E . 9.85 -4.55 38.50
C1 1EQ F . -0.52 -7.47 27.16
C2 1EQ F . -0.70 -7.18 25.86
N3 1EQ F . 0.14 -6.29 25.21
C4 1EQ F . 1.18 -5.70 25.88
C5 1EQ F . 1.42 -5.99 27.29
C6 1EQ F . 0.60 -6.84 27.92
C7 1EQ F . 0.18 -5.85 23.91
N8 1EQ F . 1.17 -5.01 23.78
N9 1EQ F . 1.82 -4.92 25.05
C10 1EQ F . -0.76 -6.21 22.80
C11 1EQ F . -2.19 -5.81 23.11
C12 1EQ F . -0.27 -6.05 21.39
C13 1EQ F . -0.45 -7.41 21.96
C14 1EQ F . -3.26 -6.64 22.76
C15 1EQ F . -4.56 -6.24 23.05
C16 1EQ F . -4.81 -5.03 23.71
C17 1EQ F . -3.76 -4.19 24.07
C18 1EQ F . -2.45 -4.59 23.77
CL19 1EQ F . -6.44 -4.57 24.05
C20 1EQ F . 2.58 -5.31 27.97
C21 1EQ F . 3.41 -6.08 28.93
C22 1EQ F . 2.49 -5.01 29.41
PA NAP G . 3.53 28.80 14.67
O1A NAP G . 3.09 29.78 13.64
O2A NAP G . 4.97 28.92 15.06
O5B NAP G . 2.70 28.97 16.03
C5B NAP G . 2.84 28.20 17.23
C4B NAP G . 1.85 28.76 18.21
O4B NAP G . 2.01 28.13 19.51
C3B NAP G . 1.94 30.27 18.46
O3B NAP G . 0.66 30.88 18.60
C2B NAP G . 2.73 30.36 19.76
O2B NAP G . 2.52 31.59 20.47
C1B NAP G . 2.22 29.12 20.50
N9A NAP G . 3.13 28.58 21.52
C8A NAP G . 4.49 28.44 21.44
N7A NAP G . 5.04 27.99 22.54
C5A NAP G . 3.97 27.82 23.40
C6A NAP G . 3.90 27.49 24.77
N6A NAP G . 4.97 27.22 25.53
N1A NAP G . 2.69 27.53 25.37
C2A NAP G . 1.62 27.87 24.64
N3A NAP G . 1.56 28.20 23.35
C4A NAP G . 2.78 28.17 22.78
O3 NAP G . 3.20 27.28 14.28
PN NAP G . 2.66 26.67 12.91
O1N NAP G . 1.42 27.37 12.48
O2N NAP G . 3.81 26.58 11.98
O5D NAP G . 2.22 25.26 13.49
C5D NAP G . 0.96 25.02 14.14
C4D NAP G . 0.70 23.53 14.17
O4D NAP G . 0.85 22.96 12.85
C3D NAP G . 1.64 22.72 15.06
O3D NAP G . 0.95 21.72 15.82
C2D NAP G . 2.63 22.15 14.03
O2D NAP G . 3.27 20.96 14.45
C1D NAP G . 1.64 21.80 12.89
N1N NAP G . 2.36 21.63 11.58
C2N NAP G . 3.01 22.73 11.01
C3N NAP G . 3.77 22.57 9.86
C7N NAP G . 4.41 23.77 9.21
O7N NAP G . 5.15 23.61 8.25
N7N NAP G . 4.16 24.97 9.73
C4N NAP G . 3.84 21.32 9.27
C5N NAP G . 3.14 20.24 9.82
C6N NAP G . 2.41 20.42 10.98
P2B NAP G . 3.53 32.20 21.55
O1X NAP G . 3.16 33.66 21.81
O2X NAP G . 3.33 31.33 22.76
O3X NAP G . 4.98 32.04 21.03
C1 1EQ H . 9.03 22.56 9.21
C2 1EQ H . 8.63 21.37 8.72
N3 1EQ H . 7.74 20.58 9.40
C4 1EQ H . 7.21 20.99 10.60
C5 1EQ H . 7.62 22.31 11.19
C6 1EQ H . 8.51 23.07 10.51
C7 1EQ H . 7.17 19.36 9.09
N8 1EQ H . 6.35 19.02 10.06
N9 1EQ H . 6.37 20.09 11.02
C10 1EQ H . 7.46 18.52 7.86
C11 1EQ H . 8.92 18.16 7.77
C12 1EQ H . 6.49 17.45 7.46
C13 1EQ H . 6.65 18.66 6.61
C14 1EQ H . 9.55 18.13 6.52
C15 1EQ H . 10.91 17.78 6.43
C16 1EQ H . 11.62 17.47 7.61
C17 1EQ H . 10.98 17.50 8.86
C18 1EQ H . 9.63 17.85 8.93
CL19 1EQ H . 13.28 17.05 7.48
C20 1EQ H . 7.06 22.77 12.52
C21 1EQ H . 7.01 24.22 12.87
C22 1EQ H . 8.04 23.34 13.51
PA NAP I . 13.86 -8.77 -30.12
O1A NAP I . 15.30 -8.44 -30.15
O2A NAP I . 12.93 -7.97 -31.01
O5B NAP I . 13.65 -10.33 -30.35
C5B NAP I . 12.35 -10.93 -30.46
C4B NAP I . 12.53 -12.38 -30.81
O4B NAP I . 11.25 -12.99 -31.13
C3B NAP I . 13.45 -12.65 -31.99
O3B NAP I . 14.25 -13.82 -31.82
C2B NAP I . 12.47 -12.84 -33.14
O2B NAP I . 13.10 -13.65 -34.15
C1B NAP I . 11.33 -13.56 -32.42
N9A NAP I . 10.01 -13.57 -33.03
C8A NAP I . 9.37 -12.52 -33.64
N7A NAP I . 8.24 -12.84 -34.21
C5A NAP I . 8.11 -14.20 -33.94
C6A NAP I . 7.14 -15.14 -34.33
N6A NAP I . 6.10 -14.87 -35.12
N1A NAP I . 7.32 -16.42 -33.92
C2A NAP I . 8.42 -16.72 -33.20
N3A NAP I . 9.40 -15.92 -32.80
C4A NAP I . 9.19 -14.66 -33.21
O3 NAP I . 13.17 -8.50 -28.71
PN NAP I . 13.72 -8.02 -27.29
O1N NAP I . 14.87 -8.85 -26.85
O2N NAP I . 13.87 -6.55 -27.32
O5D NAP I . 12.48 -8.43 -26.38
C5D NAP I . 12.39 -9.75 -25.81
C4D NAP I . 11.32 -9.78 -24.73
O4D NAP I . 11.55 -8.73 -23.77
C3D NAP I . 9.88 -9.62 -25.21
O3D NAP I . 9.02 -10.52 -24.52
C2D NAP I . 9.59 -8.16 -24.86
O2D NAP I . 8.20 -7.96 -24.63
C1D NAP I . 10.35 -8.03 -23.50
N1N NAP I . 10.70 -6.59 -23.21
C2N NAP I . 11.70 -5.92 -23.95
C3N NAP I . 12.02 -4.61 -23.65
C7N NAP I . 13.11 -3.88 -24.38
O7N NAP I . 13.28 -2.66 -24.17
N7N NAP I . 13.86 -4.57 -25.25
C4N NAP I . 11.34 -3.96 -22.62
C5N NAP I . 10.38 -4.65 -21.88
C6N NAP I . 10.07 -5.96 -22.20
P2B NAP I . 12.63 -13.81 -35.68
O1X NAP I . 13.73 -14.36 -36.48
O2X NAP I . 11.49 -14.79 -35.56
O3X NAP I . 12.09 -12.43 -36.11
C1 1EQ J . 10.63 -0.50 -26.54
C2 1EQ J . 10.15 -0.24 -25.32
N3 1EQ J . 9.47 -1.20 -24.59
C4 1EQ J . 9.27 -2.45 -25.11
C5 1EQ J . 9.79 -2.78 -26.45
C6 1EQ J . 10.45 -1.84 -27.15
C7 1EQ J . 8.88 -1.18 -23.34
N8 1EQ J . 8.34 -2.36 -23.11
N9 1EQ J . 8.60 -3.18 -24.25
C10 1EQ J . 8.82 -0.03 -22.37
C11 1EQ J . 8.19 1.19 -22.99
C12 1EQ J . 8.57 -0.37 -20.93
C13 1EQ J . 9.90 0.14 -21.35
C14 1EQ J . 8.80 2.46 -22.82
C15 1EQ J . 8.21 3.59 -23.41
C16 1EQ J . 7.03 3.44 -24.15
C17 1EQ J . 6.42 2.18 -24.33
C18 1EQ J . 7.01 1.06 -23.75
CL19 1EQ J . 6.31 4.84 -24.87
C20 1EQ J . 9.56 -4.18 -26.96
C21 1EQ J . 10.73 -5.01 -27.37
C22 1EQ J . 9.79 -4.46 -28.40
PA NAP K . -24.71 -12.19 -17.11
O1A NAP K . -25.99 -12.14 -16.34
O2A NAP K . -24.30 -13.61 -17.45
O5B NAP K . -24.92 -11.40 -18.48
C5B NAP K . -24.01 -11.44 -19.59
C4B NAP K . -24.67 -10.82 -20.79
O4B NAP K . -23.84 -11.01 -21.95
C3B NAP K . -26.06 -11.37 -21.17
O3B NAP K . -26.93 -10.33 -21.60
C2B NAP K . -25.76 -12.33 -22.31
O2B NAP K . -26.90 -12.50 -23.18
C1B NAP K . -24.59 -11.63 -22.98
N9A NAP K . -23.69 -12.43 -23.81
C8A NAP K . -23.21 -13.68 -23.54
N7A NAP K . -22.55 -14.22 -24.54
C5A NAP K . -22.59 -13.25 -25.54
C6A NAP K . -22.11 -13.21 -26.86
N6A NAP K . -21.41 -14.20 -27.44
N1A NAP K . -22.35 -12.10 -27.58
C2A NAP K . -23.03 -11.09 -27.02
N3A NAP K . -23.54 -11.01 -25.78
C4A NAP K . -23.28 -12.13 -25.09
O3 NAP K . -23.45 -11.46 -16.45
PN NAP K . -23.20 -10.40 -15.27
O1N NAP K . -24.27 -9.37 -15.34
O2N NAP K . -22.97 -11.09 -13.99
O5D NAP K . -21.85 -9.74 -15.74
C5D NAP K . -21.87 -8.55 -16.57
C4D NAP K . -20.50 -7.93 -16.50
O4D NAP K . -20.12 -7.74 -15.11
C3D NAP K . -19.37 -8.75 -17.13
O3D NAP K . -18.55 -7.92 -17.95
C2D NAP K . -18.63 -9.30 -15.91
O2D NAP K . -17.22 -9.28 -16.10
C1D NAP K . -18.81 -8.19 -14.89
N1N NAP K . -18.60 -8.70 -13.48
C2N NAP K . -19.60 -9.49 -12.85
C3N NAP K . -19.39 -9.96 -11.57
C7N NAP K . -20.45 -10.74 -10.86
O7N NAP K . -20.21 -11.23 -9.71
N7N NAP K . -21.63 -10.92 -11.48
C4N NAP K . -18.20 -9.64 -10.93
C5N NAP K . -17.25 -8.85 -11.54
C6N NAP K . -17.47 -8.39 -12.83
P2B NAP K . -27.14 -13.72 -24.17
O1X NAP K . -28.57 -13.86 -24.56
O2X NAP K . -26.25 -13.37 -25.34
O3X NAP K . -26.63 -15.00 -23.54
C1 1EQ L . -18.55 -14.97 -10.37
C2 1EQ L . -17.54 -14.26 -9.83
N3 1EQ L . -16.87 -13.29 -10.54
C4 1EQ L . -17.22 -13.01 -11.84
C5 1EQ L . -18.31 -13.74 -12.48
C6 1EQ L . -18.96 -14.70 -11.78
C7 1EQ L . -15.83 -12.46 -10.22
N8 1EQ L . -15.55 -11.71 -11.26
N9 1EQ L . -16.45 -12.07 -12.31
C10 1EQ L . -15.09 -12.39 -8.92
C11 1EQ L . -14.46 -13.71 -8.55
C12 1EQ L . -14.36 -11.13 -8.59
C13 1EQ L . -15.62 -11.45 -7.87
C14 1EQ L . -14.57 -14.23 -7.24
C15 1EQ L . -13.98 -15.48 -6.94
C16 1EQ L . -13.27 -16.21 -7.92
C17 1EQ L . -13.15 -15.68 -9.22
C18 1EQ L . -13.75 -14.44 -9.52
CL19 1EQ L . -12.52 -17.75 -7.51
C20 1EQ L . -18.62 -13.39 -13.90
C21 1EQ L . -20.03 -13.22 -14.35
C22 1EQ L . -19.25 -14.44 -14.74
#